data_9GRO
#
_entry.id   9GRO
#
_cell.length_a   114.586
_cell.length_b   114.586
_cell.length_c   172.179
_cell.angle_alpha   90.00
_cell.angle_beta   90.00
_cell.angle_gamma   120.00
#
_symmetry.space_group_name_H-M   'P 31 2 1'
#
loop_
_entity.id
_entity.type
_entity.pdbx_description
1 polymer 'Inositol hexakisphosphate and diphosphoinositol-pentakisphosphate kinase'
2 non-polymer 'ZINC ION'
3 non-polymer SPERMINE
4 non-polymer L-ornithine
5 non-polymer 1,4-DIAMINOBUTANE
6 non-polymer 1,2-ETHANEDIOL
7 non-polymer '(1R,3S,4R,5S,6R)-2,4,5,6-tetrakis(phosphonooxy)cyclohexane-1,3-diyl bis[trihydrogen (diphosphate)]'
8 non-polymer (2S)-hexane-1,2,6-triol
9 water water
#
_entity_poly.entity_id   1
_entity_poly.type   'polypeptide(L)'
_entity_poly.pdbx_seq_one_letter_code
;GAKWVFKGLAIIIAAADATPKQKFKHSFTSPIFISLLKGHKEEVVIRNVNDLKIVLQALRIALDEKAGNPAKIKVLANAL
EKKLNFPGTKIQLKPVLNKENEVEKVQFILKWGGEPTHSAKYQATELGEQMRQDFDLLNKSILQNIKIFSSSERRVLHTA
QYWTRALFGADELGSDEISIRKDLLDDSNAAKDLMDKVKKKLKPLLREGKEAPPQFAWPSKMPEPYLVIKRVVELMNYHK
KIMDNNFAKKDVNSMQTRWCTSEDPSLFKERWDKLFKEFNNAEKVDPSKISELYDTMKYDALHNRQFLENIFDPGSSGQF
DEPRFMQLRELYKLAKVLFDFICPKEYGISDAEKLDIGLLTSLPLAKQILNDIGDMKNRETPACVAYFTKESHIYTLLNI
IYESGIPMRIARNALPELDYLSQITFELYESTDASGQKSHSIRLKMSPGCHTQDPLDVQLDDRHYISCIPKISLTKHLDM
DYVQQKLRNKFTRVIMPPKFTPVNITS
;
_entity_poly.pdbx_strand_id   A,B
#
loop_
_chem_comp.id
_chem_comp.type
_chem_comp.name
_chem_comp.formula
1JW non-polymer (2S)-hexane-1,2,6-triol 'C6 H14 O3'
EDO non-polymer 1,2-ETHANEDIOL 'C2 H6 O2'
I8P non-polymer '(1R,3S,4R,5S,6R)-2,4,5,6-tetrakis(phosphonooxy)cyclohexane-1,3-diyl bis[trihydrogen (diphosphate)]' 'C6 H20 O30 P8'
PUT non-polymer 1,4-DIAMINOBUTANE 'C4 H12 N2'
SPM non-polymer SPERMINE 'C10 H26 N4'
ZN non-polymer 'ZINC ION' 'Zn 2'
#
# COMPACT_ATOMS: atom_id res chain seq x y z
N TRP A 4 -33.88 24.90 15.00
CA TRP A 4 -32.52 24.84 15.51
C TRP A 4 -31.51 25.05 14.38
N VAL A 5 -30.38 25.67 14.72
CA VAL A 5 -29.33 25.97 13.76
C VAL A 5 -27.99 25.68 14.42
N PHE A 6 -27.05 25.16 13.62
CA PHE A 6 -25.76 24.74 14.15
C PHE A 6 -24.92 25.94 14.59
N LYS A 7 -24.30 25.81 15.76
CA LYS A 7 -23.46 26.86 16.34
C LYS A 7 -22.03 26.40 16.57
N GLY A 8 -21.83 25.17 17.03
CA GLY A 8 -20.48 24.72 17.35
C GLY A 8 -20.40 23.21 17.46
N LEU A 9 -19.16 22.73 17.49
CA LEU A 9 -18.88 21.30 17.60
C LEU A 9 -17.66 21.08 18.48
N ALA A 10 -17.79 20.19 19.46
CA ALA A 10 -16.67 19.74 20.29
C ALA A 10 -16.54 18.24 20.05
N ILE A 11 -15.52 17.85 19.29
CA ILE A 11 -15.34 16.47 18.83
C ILE A 11 -14.05 15.93 19.42
N ILE A 12 -14.14 14.79 20.09
CA ILE A 12 -12.98 14.07 20.61
C ILE A 12 -12.71 12.90 19.68
N ILE A 13 -11.45 12.77 19.25
CA ILE A 13 -11.07 11.82 18.21
C ILE A 13 -9.91 10.97 18.71
N ALA A 14 -10.06 9.66 18.63
CA ALA A 14 -9.00 8.75 19.02
C ALA A 14 -7.99 8.59 17.88
N ALA A 15 -6.87 7.96 18.19
CA ALA A 15 -5.79 7.79 17.22
C ALA A 15 -6.22 6.85 16.10
N ALA A 16 -5.63 7.04 14.93
CA ALA A 16 -5.90 6.19 13.77
C ALA A 16 -5.10 4.90 13.91
N ASP A 17 -5.09 4.09 12.85
CA ASP A 17 -4.47 2.77 12.89
C ASP A 17 -3.02 2.86 13.33
N ALA A 18 -2.62 1.95 14.22
CA ALA A 18 -1.29 1.96 14.80
C ALA A 18 -0.81 0.53 15.02
N THR A 19 0.50 0.38 15.17
CA THR A 19 1.07 -0.93 15.43
C THR A 19 0.71 -1.41 16.83
N PRO A 20 0.74 -2.72 17.06
CA PRO A 20 0.30 -3.24 18.37
C PRO A 20 1.13 -2.68 19.51
N LYS A 21 0.45 -2.33 20.60
CA LYS A 21 1.12 -1.93 21.82
C LYS A 21 1.51 -3.16 22.63
N GLN A 22 2.77 -3.24 23.02
CA GLN A 22 3.28 -4.36 23.80
C GLN A 22 4.11 -3.83 24.95
N LYS A 23 4.09 -4.54 26.08
CA LYS A 23 4.84 -4.11 27.24
C LYS A 23 5.23 -5.30 28.10
N PHE A 24 6.41 -5.20 28.71
CA PHE A 24 6.83 -6.05 29.81
C PHE A 24 6.83 -5.22 31.09
N LYS A 25 6.30 -5.79 32.16
CA LYS A 25 6.25 -5.10 33.45
C LYS A 25 6.77 -6.03 34.53
N HIS A 26 7.70 -5.52 35.33
CA HIS A 26 8.20 -6.24 36.50
C HIS A 26 8.60 -5.22 37.55
N SER A 27 8.47 -5.61 38.82
CA SER A 27 8.76 -4.74 39.94
C SER A 27 9.99 -5.25 40.69
N PHE A 28 10.87 -4.33 41.04
CA PHE A 28 12.10 -4.65 41.75
C PHE A 28 12.26 -3.73 42.95
N THR A 29 12.95 -4.23 43.97
CA THR A 29 13.22 -3.46 45.18
C THR A 29 14.71 -3.20 45.39
N SER A 30 15.58 -3.80 44.60
CA SER A 30 17.02 -3.65 44.81
C SER A 30 17.45 -2.22 44.57
N PRO A 31 18.50 -1.75 45.27
CA PRO A 31 18.90 -0.34 45.12
C PRO A 31 19.22 0.08 43.70
N ILE A 32 19.85 -0.78 42.90
CA ILE A 32 20.21 -0.40 41.55
C ILE A 32 18.95 -0.06 40.74
N PHE A 33 17.87 -0.80 40.97
CA PHE A 33 16.61 -0.49 40.30
C PHE A 33 15.99 0.78 40.86
N ILE A 34 16.07 0.98 42.17
CA ILE A 34 15.53 2.20 42.76
C ILE A 34 16.31 3.42 42.27
N SER A 35 17.62 3.26 42.04
CA SER A 35 18.43 4.40 41.61
C SER A 35 18.04 4.90 40.22
N LEU A 36 17.36 4.08 39.41
CA LEU A 36 16.93 4.53 38.09
C LEU A 36 15.97 5.71 38.20
N LEU A 37 15.22 5.80 39.30
CA LEU A 37 14.34 6.94 39.51
C LEU A 37 15.11 8.24 39.71
N LYS A 38 16.39 8.17 40.05
CA LYS A 38 17.22 9.36 40.28
C LYS A 38 16.54 10.32 41.24
N GLY A 39 16.07 9.77 42.36
CA GLY A 39 15.50 10.55 43.43
C GLY A 39 14.04 10.89 43.27
N HIS A 40 13.47 10.74 42.08
CA HIS A 40 12.06 11.03 41.88
C HIS A 40 11.19 10.05 42.67
N LYS A 41 10.10 10.58 43.23
CA LYS A 41 9.11 9.76 43.93
C LYS A 41 7.76 9.76 43.21
N GLU A 42 7.77 10.08 41.92
CA GLU A 42 6.60 10.01 41.06
C GLU A 42 7.01 9.28 39.78
N GLU A 43 6.02 8.94 38.96
CA GLU A 43 6.30 8.18 37.76
C GLU A 43 7.29 8.94 36.87
N VAL A 44 8.26 8.20 36.32
CA VAL A 44 9.31 8.74 35.47
C VAL A 44 9.25 8.02 34.13
N VAL A 45 9.23 8.78 33.05
CA VAL A 45 9.19 8.24 31.69
C VAL A 45 10.53 8.51 31.03
N ILE A 46 11.08 7.49 30.38
CA ILE A 46 12.37 7.58 29.69
C ILE A 46 12.12 7.31 28.21
N ARG A 47 12.49 8.27 27.36
CA ARG A 47 12.26 8.14 25.92
CA ARG A 47 12.25 8.16 25.92
C ARG A 47 13.54 8.39 25.13
N ASN A 48 14.41 9.25 25.65
CA ASN A 48 15.65 9.55 24.92
C ASN A 48 16.45 8.27 24.70
N VAL A 49 16.91 8.07 23.47
CA VAL A 49 17.58 6.82 23.11
C VAL A 49 18.84 6.64 23.94
N ASN A 50 19.57 7.72 24.17
CA ASN A 50 20.81 7.63 24.96
C ASN A 50 20.52 7.24 26.40
N ASP A 51 19.45 7.78 26.98
CA ASP A 51 19.06 7.38 28.33
C ASP A 51 18.64 5.91 28.36
N LEU A 52 17.99 5.43 27.28
CA LEU A 52 17.64 4.02 27.21
C LEU A 52 18.88 3.14 27.15
N LYS A 53 19.93 3.60 26.46
CA LYS A 53 21.18 2.84 26.43
C LYS A 53 21.81 2.77 27.81
N ILE A 54 21.70 3.86 28.59
CA ILE A 54 22.22 3.83 29.96
C ILE A 54 21.44 2.83 30.81
N VAL A 55 20.10 2.84 30.69
CA VAL A 55 19.28 1.89 31.44
C VAL A 55 19.63 0.47 31.03
N LEU A 56 19.84 0.24 29.73
CA LEU A 56 20.24 -1.08 29.27
C LEU A 56 21.51 -1.53 29.99
N GLN A 57 22.49 -0.63 30.11
CA GLN A 57 23.72 -0.98 30.84
C GLN A 57 23.41 -1.27 32.30
N ALA A 58 22.52 -0.50 32.92
CA ALA A 58 22.12 -0.77 34.28
C ALA A 58 21.48 -2.15 34.40
N LEU A 59 20.64 -2.52 33.43
CA LEU A 59 20.02 -3.84 33.46
C LEU A 59 21.08 -4.95 33.35
N ARG A 60 22.10 -4.75 32.52
CA ARG A 60 23.16 -5.75 32.42
C ARG A 60 23.92 -5.85 33.74
N ILE A 61 24.14 -4.72 34.42
CA ILE A 61 24.74 -4.77 35.75
C ILE A 61 23.82 -5.50 36.72
N ALA A 62 22.53 -5.16 36.71
CA ALA A 62 21.58 -5.82 37.60
C ALA A 62 21.59 -7.32 37.39
N LEU A 63 21.64 -7.76 36.12
CA LEU A 63 21.68 -9.18 35.83
C LEU A 63 22.89 -9.86 36.46
N ASP A 64 24.08 -9.28 36.25
CA ASP A 64 25.30 -9.87 36.81
C ASP A 64 25.27 -9.88 38.33
N GLU A 65 24.79 -8.78 38.93
CA GLU A 65 24.71 -8.69 40.38
C GLU A 65 23.56 -9.50 40.97
N LYS A 66 22.68 -10.06 40.15
CA LYS A 66 21.48 -10.72 40.63
C LYS A 66 20.69 -9.79 41.55
N ALA A 67 20.47 -8.56 41.08
CA ALA A 67 19.64 -7.58 41.77
C ALA A 67 18.15 -7.83 41.57
N GLY A 68 17.81 -9.03 41.09
CA GLY A 68 16.43 -9.39 40.84
C GLY A 68 16.40 -10.72 40.11
N ASN A 69 15.19 -11.19 39.84
CA ASN A 69 15.01 -12.44 39.11
C ASN A 69 15.83 -12.39 37.83
N PRO A 70 16.93 -13.15 37.73
CA PRO A 70 17.78 -13.02 36.53
C PRO A 70 17.06 -13.32 35.23
N ALA A 71 16.17 -14.33 35.23
CA ALA A 71 15.46 -14.66 34.00
C ALA A 71 14.59 -13.50 33.56
N LYS A 72 13.92 -12.82 34.50
CA LYS A 72 13.06 -11.71 34.15
C LYS A 72 13.86 -10.48 33.77
N ILE A 73 15.07 -10.32 34.33
CA ILE A 73 15.93 -9.21 33.92
C ILE A 73 16.47 -9.46 32.51
N LYS A 74 16.77 -10.71 32.18
CA LYS A 74 17.29 -11.03 30.84
C LYS A 74 16.30 -10.61 29.77
N VAL A 75 15.02 -10.94 29.94
CA VAL A 75 14.04 -10.62 28.90
C VAL A 75 13.91 -9.10 28.76
N LEU A 76 13.93 -8.37 29.88
CA LEU A 76 13.86 -6.92 29.81
C LEU A 76 15.06 -6.35 29.05
N ALA A 77 16.27 -6.82 29.38
CA ALA A 77 17.47 -6.29 28.74
C ALA A 77 17.48 -6.61 27.25
N ASN A 78 17.16 -7.87 26.89
CA ASN A 78 17.16 -8.24 25.49
C ASN A 78 16.10 -7.49 24.71
N ALA A 79 14.91 -7.33 25.30
CA ALA A 79 13.85 -6.58 24.63
C ALA A 79 14.24 -5.12 24.45
N LEU A 80 14.84 -4.52 25.48
CA LEU A 80 15.26 -3.12 25.36
C LEU A 80 16.34 -2.97 24.31
N GLU A 81 17.30 -3.89 24.27
CA GLU A 81 18.39 -3.79 23.31
C GLU A 81 17.86 -3.81 21.88
N LYS A 82 16.85 -4.64 21.61
CA LYS A 82 16.35 -4.78 20.26
C LYS A 82 15.45 -3.62 19.84
N LYS A 83 14.80 -2.95 20.81
CA LYS A 83 13.74 -2.00 20.49
C LYS A 83 14.09 -0.55 20.79
N LEU A 84 15.17 -0.27 21.52
CA LEU A 84 15.48 1.11 21.87
C LEU A 84 15.82 1.96 20.66
N ASN A 85 16.13 1.33 19.52
CA ASN A 85 16.37 2.04 18.28
C ASN A 85 15.11 2.21 17.44
N PHE A 86 13.95 1.80 17.97
CA PHE A 86 12.69 1.93 17.27
C PHE A 86 11.85 3.05 17.87
N PRO A 87 11.26 3.93 17.05
CA PRO A 87 10.41 4.98 17.61
C PRO A 87 9.27 4.40 18.44
N GLY A 88 8.93 5.09 19.52
CA GLY A 88 7.85 4.70 20.40
C GLY A 88 8.28 3.92 21.61
N THR A 89 9.53 3.43 21.66
CA THR A 89 10.00 2.66 22.80
C THR A 89 10.29 3.59 23.97
N LYS A 90 9.74 3.26 25.14
CA LYS A 90 9.95 4.05 26.33
C LYS A 90 9.92 3.15 27.56
N ILE A 91 10.44 3.69 28.67
CA ILE A 91 10.44 3.01 29.96
C ILE A 91 9.69 3.88 30.96
N GLN A 92 8.80 3.26 31.74
CA GLN A 92 8.09 3.94 32.81
C GLN A 92 8.49 3.33 34.14
N LEU A 93 8.87 4.18 35.09
CA LEU A 93 9.27 3.76 36.43
C LEU A 93 8.24 4.29 37.41
N LYS A 94 7.42 3.40 37.97
CA LYS A 94 6.40 3.80 38.93
C LYS A 94 6.88 3.46 40.34
N PRO A 95 7.29 4.44 41.14
CA PRO A 95 7.73 4.12 42.50
C PRO A 95 6.56 3.80 43.41
N VAL A 96 6.81 2.92 44.38
CA VAL A 96 5.84 2.57 45.41
C VAL A 96 6.37 3.13 46.73
N LEU A 97 5.57 3.96 47.38
CA LEU A 97 6.00 4.67 48.58
C LEU A 97 5.45 4.00 49.83
N ASN A 98 6.31 3.84 50.82
CA ASN A 98 5.93 3.31 52.11
C ASN A 98 5.28 4.40 52.95
N LYS A 99 5.17 4.19 54.25
CA LYS A 99 4.41 5.08 55.10
C LYS A 99 5.22 6.32 55.46
N GLU A 100 6.52 6.30 55.15
CA GLU A 100 7.44 7.39 55.39
C GLU A 100 7.81 8.11 54.09
N ASN A 101 7.03 7.92 53.02
CA ASN A 101 7.31 8.53 51.73
C ASN A 101 8.70 8.16 51.22
N GLU A 102 9.12 6.92 51.50
CA GLU A 102 10.36 6.37 50.98
C GLU A 102 10.03 5.33 49.92
N VAL A 103 10.79 5.36 48.83
CA VAL A 103 10.56 4.42 47.73
C VAL A 103 11.06 3.05 48.18
N GLU A 104 10.14 2.10 48.31
CA GLU A 104 10.49 0.73 48.66
C GLU A 104 10.48 -0.22 47.48
N LYS A 105 9.89 0.19 46.36
CA LYS A 105 9.74 -0.67 45.19
C LYS A 105 9.47 0.21 43.98
N VAL A 106 9.97 -0.23 42.83
CA VAL A 106 9.78 0.48 41.56
C VAL A 106 9.27 -0.51 40.53
N GLN A 107 8.21 -0.14 39.81
CA GLN A 107 7.71 -0.94 38.70
C GLN A 107 8.47 -0.53 37.44
N PHE A 108 9.11 -1.51 36.80
CA PHE A 108 9.84 -1.30 35.55
C PHE A 108 8.95 -1.74 34.40
N ILE A 109 8.45 -0.78 33.63
CA ILE A 109 7.56 -1.03 32.51
C ILE A 109 8.29 -0.64 31.22
N LEU A 110 8.52 -1.62 30.36
CA LEU A 110 9.11 -1.39 29.04
C LEU A 110 7.99 -1.47 28.01
N LYS A 111 7.76 -0.37 27.30
CA LYS A 111 6.73 -0.30 26.28
C LYS A 111 7.37 -0.05 24.92
N TRP A 112 6.78 -0.64 23.88
CA TRP A 112 7.21 -0.40 22.52
C TRP A 112 6.03 -0.64 21.59
N GLY A 113 6.16 -0.18 20.35
CA GLY A 113 5.06 -0.22 19.41
C GLY A 113 4.15 0.98 19.57
N GLY A 114 2.91 0.81 19.10
CA GLY A 114 1.96 1.89 19.16
C GLY A 114 2.22 3.02 18.18
N GLU A 115 3.02 2.76 17.14
CA GLU A 115 3.34 3.76 16.15
C GLU A 115 2.25 3.81 15.07
N PRO A 116 2.01 4.98 14.48
CA PRO A 116 1.03 5.05 13.38
C PRO A 116 1.48 4.22 12.19
N THR A 117 0.56 3.44 11.65
CA THR A 117 0.86 2.67 10.45
C THR A 117 0.76 3.56 9.21
N HIS A 118 1.19 3.01 8.07
CA HIS A 118 1.02 3.73 6.82
C HIS A 118 -0.46 3.94 6.50
N SER A 119 -1.35 3.16 7.11
CA SER A 119 -2.78 3.29 6.84
C SER A 119 -3.43 4.44 7.62
N ALA A 120 -2.79 4.92 8.69
CA ALA A 120 -3.42 5.92 9.54
C ALA A 120 -3.83 7.15 8.74
N LYS A 121 -2.99 7.57 7.79
CA LYS A 121 -3.26 8.81 7.07
C LYS A 121 -4.55 8.74 6.27
N TYR A 122 -4.92 7.56 5.77
CA TYR A 122 -6.16 7.44 5.02
C TYR A 122 -7.36 7.67 5.91
N GLN A 123 -7.37 7.04 7.09
CA GLN A 123 -8.49 7.20 8.01
C GLN A 123 -8.62 8.65 8.47
N ALA A 124 -7.50 9.29 8.81
CA ALA A 124 -7.55 10.69 9.24
C ALA A 124 -7.94 11.60 8.09
N THR A 125 -7.38 11.38 6.90
CA THR A 125 -7.75 12.19 5.75
C THR A 125 -9.22 12.00 5.40
N GLU A 126 -9.70 10.76 5.45
CA GLU A 126 -11.13 10.51 5.21
C GLU A 126 -11.98 11.36 6.15
N LEU A 127 -11.61 11.39 7.44
CA LEU A 127 -12.41 12.14 8.40
C LEU A 127 -12.31 13.64 8.17
N GLY A 128 -11.11 14.12 7.81
CA GLY A 128 -10.95 15.55 7.59
C GLY A 128 -11.71 16.05 6.37
N GLU A 129 -11.70 15.27 5.29
CA GLU A 129 -12.43 15.67 4.09
C GLU A 129 -13.93 15.64 4.32
N GLN A 130 -14.44 14.59 4.96
CA GLN A 130 -15.86 14.51 5.23
C GLN A 130 -16.34 15.69 6.06
N MET A 131 -15.55 16.06 7.09
CA MET A 131 -15.93 17.18 7.94
C MET A 131 -15.81 18.51 7.20
N ARG A 132 -14.80 18.65 6.33
CA ARG A 132 -14.73 19.85 5.50
C ARG A 132 -15.97 19.95 4.63
N GLN A 133 -16.38 18.84 4.01
CA GLN A 133 -17.64 18.84 3.29
C GLN A 133 -18.77 19.29 4.21
N ASP A 134 -18.91 18.64 5.37
CA ASP A 134 -20.04 18.96 6.25
C ASP A 134 -20.08 20.45 6.57
N PHE A 135 -18.93 21.05 6.90
CA PHE A 135 -18.92 22.46 7.28
C PHE A 135 -19.30 23.36 6.11
N ASP A 136 -18.78 23.06 4.91
CA ASP A 136 -19.11 23.90 3.76
C ASP A 136 -20.59 23.81 3.36
N LEU A 137 -21.36 22.93 4.00
CA LEU A 137 -22.80 22.86 3.77
C LEU A 137 -23.61 23.46 4.91
N LEU A 138 -23.09 23.46 6.14
CA LEU A 138 -23.75 24.10 7.26
C LEU A 138 -23.41 25.59 7.32
N ASN A 139 -22.12 25.92 7.43
CA ASN A 139 -21.70 27.32 7.47
C ASN A 139 -20.22 27.37 7.13
N LYS A 140 -19.89 28.04 6.01
CA LYS A 140 -18.50 28.15 5.60
C LYS A 140 -17.64 28.86 6.64
N SER A 141 -18.25 29.68 7.51
CA SER A 141 -17.49 30.42 8.50
C SER A 141 -16.89 29.53 9.57
N ILE A 142 -17.34 28.29 9.70
CA ILE A 142 -16.82 27.39 10.73
C ILE A 142 -15.33 27.12 10.49
N LEU A 143 -14.94 27.02 9.21
CA LEU A 143 -13.54 26.76 8.89
C LEU A 143 -12.61 27.86 9.41
N GLN A 144 -13.13 29.06 9.62
CA GLN A 144 -12.32 30.18 10.10
C GLN A 144 -12.14 30.18 11.61
N ASN A 145 -12.78 29.27 12.33
CA ASN A 145 -12.80 29.27 13.80
C ASN A 145 -12.54 27.87 14.34
N ILE A 146 -11.48 27.22 13.82
CA ILE A 146 -11.09 25.89 14.25
C ILE A 146 -10.02 26.03 15.33
N LYS A 147 -10.21 25.32 16.44
CA LYS A 147 -9.21 25.22 17.50
C LYS A 147 -8.92 23.73 17.72
N ILE A 148 -7.64 23.36 17.74
CA ILE A 148 -7.23 21.97 17.71
C ILE A 148 -6.28 21.70 18.87
N PHE A 149 -6.60 20.68 19.66
CA PHE A 149 -5.71 20.17 20.69
C PHE A 149 -5.32 18.74 20.35
N SER A 150 -4.21 18.28 20.91
CA SER A 150 -3.75 16.92 20.67
C SER A 150 -2.93 16.43 21.85
N SER A 151 -3.00 15.13 22.07
CA SER A 151 -2.09 14.47 23.01
C SER A 151 -0.66 14.54 22.48
N SER A 152 0.29 14.31 23.36
CA SER A 152 1.70 14.25 22.96
C SER A 152 2.07 12.90 22.37
N GLU A 153 1.22 11.88 22.53
CA GLU A 153 1.53 10.57 21.98
C GLU A 153 1.67 10.65 20.47
N ARG A 154 2.66 9.94 19.94
CA ARG A 154 3.03 10.08 18.54
C ARG A 154 1.90 9.65 17.61
N ARG A 155 1.22 8.55 17.95
CA ARG A 155 0.12 8.08 17.11
C ARG A 155 -1.03 9.08 17.09
N VAL A 156 -1.23 9.82 18.18
CA VAL A 156 -2.33 10.76 18.27
C VAL A 156 -2.03 12.01 17.46
N LEU A 157 -0.85 12.59 17.65
CA LEU A 157 -0.49 13.80 16.91
C LEU A 157 -0.43 13.52 15.41
N HIS A 158 0.08 12.35 15.03
CA HIS A 158 0.05 11.92 13.64
C HIS A 158 -1.37 12.02 13.08
N THR A 159 -2.35 11.51 13.83
CA THR A 159 -3.74 11.58 13.39
C THR A 159 -4.21 13.03 13.28
N ALA A 160 -3.84 13.86 14.25
CA ALA A 160 -4.27 15.26 14.23
C ALA A 160 -3.70 15.99 13.01
N GLN A 161 -2.46 15.69 12.64
CA GLN A 161 -1.81 16.42 11.56
C GLN A 161 -2.47 16.12 10.21
N TYR A 162 -2.74 14.85 9.93
CA TYR A 162 -3.36 14.51 8.65
C TYR A 162 -4.82 14.95 8.59
N TRP A 163 -5.52 14.91 9.74
CA TRP A 163 -6.88 15.42 9.77
C TRP A 163 -6.90 16.93 9.51
N THR A 164 -5.96 17.66 10.11
CA THR A 164 -5.88 19.10 9.88
C THR A 164 -5.57 19.41 8.42
N ARG A 165 -4.64 18.66 7.82
CA ARG A 165 -4.33 18.88 6.40
C ARG A 165 -5.56 18.65 5.53
N ALA A 166 -6.32 17.59 5.81
CA ALA A 166 -7.50 17.30 5.01
C ALA A 166 -8.60 18.33 5.24
N LEU A 167 -8.74 18.83 6.47
CA LEU A 167 -9.82 19.76 6.77
C LEU A 167 -9.62 21.09 6.05
N PHE A 168 -8.40 21.60 6.02
CA PHE A 168 -8.12 22.89 5.39
C PHE A 168 -7.62 22.76 3.95
N GLY A 169 -7.32 21.55 3.49
CA GLY A 169 -6.76 21.38 2.17
C GLY A 169 -5.41 22.06 2.05
N ALA A 170 -4.42 21.59 2.82
CA ALA A 170 -3.11 22.20 2.86
C ALA A 170 -2.03 21.12 2.94
N ASP A 171 -0.86 21.45 2.41
CA ASP A 171 0.29 20.54 2.47
C ASP A 171 1.10 20.75 3.75
N GLU A 172 1.59 21.96 3.97
CA GLU A 172 2.39 22.27 5.13
C GLU A 172 1.50 22.67 6.30
N LEU A 173 2.10 22.74 7.49
CA LEU A 173 1.33 22.99 8.70
C LEU A 173 2.26 23.59 9.75
N GLY A 174 1.79 24.64 10.42
CA GLY A 174 2.57 25.29 11.45
C GLY A 174 2.25 24.76 12.84
N SER A 175 3.23 24.81 13.73
CA SER A 175 3.04 24.33 15.09
C SER A 175 2.05 25.18 15.88
N ASP A 176 1.68 26.36 15.37
CA ASP A 176 0.71 27.21 16.04
C ASP A 176 -0.73 26.74 15.82
N GLU A 177 -0.96 25.75 14.96
CA GLU A 177 -2.31 25.32 14.64
C GLU A 177 -2.78 24.15 15.50
N ILE A 178 -1.86 23.31 15.99
CA ILE A 178 -2.19 22.21 16.88
C ILE A 178 -1.48 22.46 18.20
N SER A 179 -2.24 22.43 19.30
CA SER A 179 -1.73 22.73 20.62
C SER A 179 -1.73 21.46 21.45
N ILE A 180 -0.54 21.05 21.91
CA ILE A 180 -0.44 19.86 22.75
C ILE A 180 -0.93 20.19 24.15
N ARG A 181 -1.76 19.30 24.71
CA ARG A 181 -2.28 19.43 26.06
C ARG A 181 -2.12 18.07 26.75
N LYS A 182 -0.95 17.86 27.36
CA LYS A 182 -0.70 16.62 28.09
C LYS A 182 -1.68 16.47 29.25
N ASP A 183 -1.98 17.57 29.94
CA ASP A 183 -2.85 17.50 31.10
C ASP A 183 -4.24 17.01 30.74
N LEU A 184 -4.69 17.26 29.51
CA LEU A 184 -6.03 16.90 29.07
C LEU A 184 -6.10 15.56 28.34
N LEU A 185 -5.13 15.27 27.47
CA LEU A 185 -5.28 14.22 26.47
C LEU A 185 -4.28 13.09 26.59
N ASP A 186 -3.28 13.18 27.47
CA ASP A 186 -2.42 12.05 27.76
C ASP A 186 -3.02 11.21 28.88
N ASP A 187 -2.50 10.00 29.05
CA ASP A 187 -2.93 9.17 30.17
C ASP A 187 -2.51 9.81 31.49
N SER A 188 -3.34 9.58 32.51
CA SER A 188 -3.06 10.05 33.86
C SER A 188 -3.07 8.86 34.79
N ASN A 189 -2.04 8.74 35.62
CA ASN A 189 -1.97 7.69 36.62
C ASN A 189 -2.81 8.02 37.85
N ALA A 190 -3.69 9.02 37.77
CA ALA A 190 -4.54 9.38 38.90
C ALA A 190 -5.47 8.23 39.28
N ALA A 191 -6.03 7.55 38.28
CA ALA A 191 -6.93 6.43 38.50
C ALA A 191 -6.20 5.09 38.62
N LYS A 192 -4.88 5.08 38.45
CA LYS A 192 -4.16 3.81 38.46
C LYS A 192 -4.27 3.13 39.82
N ASP A 193 -4.35 3.90 40.91
CA ASP A 193 -4.54 3.28 42.22
C ASP A 193 -5.83 2.49 42.27
N LEU A 194 -6.89 3.02 41.65
CA LEU A 194 -8.20 2.37 41.66
C LEU A 194 -8.35 1.35 40.53
N MET A 195 -7.64 1.54 39.42
CA MET A 195 -7.67 0.54 38.36
C MET A 195 -6.94 -0.74 38.75
N ASP A 196 -5.99 -0.66 39.70
CA ASP A 196 -5.37 -1.88 40.21
C ASP A 196 -6.36 -2.68 41.04
N LYS A 197 -7.17 -2.01 41.85
CA LYS A 197 -8.24 -2.69 42.58
C LYS A 197 -9.13 -3.48 41.63
N VAL A 198 -9.40 -2.91 40.45
CA VAL A 198 -10.23 -3.60 39.46
C VAL A 198 -9.47 -4.75 38.81
N LYS A 199 -8.20 -4.51 38.44
CA LYS A 199 -7.43 -5.55 37.77
C LYS A 199 -7.31 -6.79 38.63
N LYS A 200 -7.09 -6.62 39.94
CA LYS A 200 -6.98 -7.77 40.82
C LYS A 200 -8.32 -8.48 40.98
N LYS A 201 -9.42 -7.73 40.90
CA LYS A 201 -10.74 -8.35 40.99
C LYS A 201 -11.07 -9.17 39.75
N LEU A 202 -10.41 -8.88 38.62
CA LEU A 202 -10.66 -9.63 37.39
C LEU A 202 -9.85 -10.91 37.32
N LYS A 203 -8.69 -10.96 37.97
CA LYS A 203 -7.84 -12.14 37.84
C LYS A 203 -8.56 -13.43 38.22
N PRO A 204 -9.25 -13.52 39.36
CA PRO A 204 -9.95 -14.78 39.66
C PRO A 204 -11.02 -15.13 38.66
N LEU A 205 -11.69 -14.14 38.06
CA LEU A 205 -12.72 -14.42 37.07
C LEU A 205 -12.13 -15.16 35.87
N LEU A 206 -10.92 -14.79 35.46
CA LEU A 206 -10.30 -15.39 34.28
C LEU A 206 -9.50 -16.65 34.62
N ARG A 207 -8.90 -16.71 35.81
CA ARG A 207 -8.06 -17.81 36.20
C ARG A 207 -8.81 -18.86 37.01
N GLU A 208 -9.51 -18.43 38.05
CA GLU A 208 -10.15 -19.36 38.98
C GLU A 208 -11.37 -20.01 38.35
N GLY A 209 -11.64 -21.25 38.77
CA GLY A 209 -12.68 -22.04 38.16
C GLY A 209 -14.09 -21.55 38.44
N LYS A 210 -14.28 -20.70 39.43
CA LYS A 210 -15.60 -20.19 39.75
C LYS A 210 -15.48 -18.97 40.64
N GLU A 211 -15.94 -17.81 40.16
CA GLU A 211 -15.89 -16.57 40.92
C GLU A 211 -17.09 -15.72 40.52
N ALA A 212 -17.98 -15.47 41.48
CA ALA A 212 -19.23 -14.78 41.19
C ALA A 212 -19.00 -13.28 41.02
N PRO A 213 -19.27 -12.71 39.85
CA PRO A 213 -19.08 -11.27 39.67
C PRO A 213 -20.36 -10.50 39.93
N PRO A 214 -20.29 -9.38 40.65
CA PRO A 214 -21.46 -8.51 40.75
C PRO A 214 -21.49 -7.45 39.66
N GLN A 215 -22.62 -7.36 38.95
CA GLN A 215 -22.82 -6.34 37.91
C GLN A 215 -21.70 -6.41 36.87
N PHE A 216 -21.66 -7.53 36.16
CA PHE A 216 -20.58 -7.85 35.22
C PHE A 216 -21.22 -8.33 33.91
N ALA A 217 -21.24 -7.45 32.90
CA ALA A 217 -21.91 -7.77 31.65
C ALA A 217 -21.19 -8.90 30.93
N TRP A 218 -21.95 -9.88 30.47
CA TRP A 218 -21.41 -11.03 29.76
C TRP A 218 -22.52 -11.67 28.92
N PRO A 219 -22.28 -11.98 27.65
CA PRO A 219 -23.35 -12.53 26.81
C PRO A 219 -23.81 -13.89 27.29
N SER A 220 -25.08 -14.19 27.03
CA SER A 220 -25.66 -15.45 27.47
C SER A 220 -25.11 -16.62 26.67
N LYS A 221 -24.89 -16.43 25.36
CA LYS A 221 -24.45 -17.52 24.50
C LYS A 221 -23.03 -17.97 24.80
N MET A 222 -22.28 -17.24 25.63
CA MET A 222 -20.90 -17.62 25.91
C MET A 222 -20.79 -18.32 27.25
N PRO A 223 -19.90 -19.32 27.36
CA PRO A 223 -19.64 -19.92 28.68
C PRO A 223 -18.90 -18.96 29.60
N GLU A 224 -18.53 -19.44 30.79
CA GLU A 224 -17.90 -18.55 31.77
C GLU A 224 -16.55 -18.07 31.26
N PRO A 225 -16.12 -16.87 31.69
CA PRO A 225 -14.84 -16.34 31.19
C PRO A 225 -13.66 -17.28 31.37
N TYR A 226 -13.60 -18.01 32.49
CA TYR A 226 -12.44 -18.86 32.73
C TYR A 226 -12.39 -20.02 31.73
N LEU A 227 -13.55 -20.49 31.26
CA LEU A 227 -13.55 -21.49 30.20
C LEU A 227 -13.03 -20.90 28.89
N VAL A 228 -13.48 -19.68 28.55
CA VAL A 228 -13.01 -19.04 27.33
C VAL A 228 -11.49 -18.90 27.37
N ILE A 229 -10.95 -18.50 28.52
CA ILE A 229 -9.51 -18.38 28.67
C ILE A 229 -8.85 -19.73 28.41
N LYS A 230 -9.40 -20.80 29.00
CA LYS A 230 -8.78 -22.11 28.85
C LYS A 230 -8.77 -22.57 27.40
N ARG A 231 -9.81 -22.24 26.63
CA ARG A 231 -9.83 -22.62 25.22
C ARG A 231 -8.87 -21.77 24.40
N VAL A 232 -8.74 -20.48 24.74
CA VAL A 232 -7.78 -19.63 24.05
C VAL A 232 -6.36 -20.16 24.27
N VAL A 233 -6.05 -20.53 25.52
CA VAL A 233 -4.73 -21.10 25.81
C VAL A 233 -4.51 -22.35 24.97
N GLU A 234 -5.53 -23.20 24.87
CA GLU A 234 -5.41 -24.39 24.03
C GLU A 234 -5.18 -23.99 22.57
N LEU A 235 -5.91 -22.99 22.08
CA LEU A 235 -5.72 -22.54 20.72
C LEU A 235 -4.36 -21.89 20.52
N MET A 236 -3.87 -21.15 21.52
CA MET A 236 -2.57 -20.48 21.39
C MET A 236 -1.43 -21.50 21.38
N ASN A 237 -1.44 -22.44 22.33
CA ASN A 237 -0.43 -23.50 22.31
C ASN A 237 -0.49 -24.30 21.01
N TYR A 238 -1.70 -24.47 20.46
CA TYR A 238 -1.85 -25.17 19.20
C TYR A 238 -1.14 -24.41 18.07
N HIS A 239 -1.41 -23.11 17.95
CA HIS A 239 -0.83 -22.33 16.86
C HIS A 239 0.67 -22.13 17.03
N LYS A 240 1.15 -22.13 18.27
CA LYS A 240 2.60 -22.04 18.48
C LYS A 240 3.32 -23.19 17.81
N LYS A 241 2.80 -24.41 17.96
CA LYS A 241 3.44 -25.58 17.36
C LYS A 241 3.37 -25.52 15.83
N ILE A 242 2.25 -25.07 15.28
CA ILE A 242 2.15 -24.91 13.83
C ILE A 242 3.18 -23.90 13.34
N MET A 243 3.27 -22.76 14.02
CA MET A 243 4.17 -21.70 13.58
C MET A 243 5.62 -22.18 13.58
N ASP A 244 6.04 -22.83 14.67
CA ASP A 244 7.41 -23.34 14.73
C ASP A 244 7.66 -24.36 13.64
N ASN A 245 6.70 -25.27 13.42
CA ASN A 245 6.86 -26.30 12.40
C ASN A 245 6.97 -25.67 11.01
N ASN A 246 6.20 -24.61 10.75
CA ASN A 246 6.28 -23.95 9.46
C ASN A 246 7.57 -23.16 9.31
N PHE A 247 7.99 -22.46 10.37
CA PHE A 247 9.28 -21.76 10.31
C PHE A 247 10.42 -22.75 10.13
N ALA A 248 10.36 -23.89 10.83
CA ALA A 248 11.48 -24.83 10.82
C ALA A 248 11.56 -25.60 9.50
N LYS A 249 10.45 -25.78 8.81
CA LYS A 249 10.38 -26.66 7.65
C LYS A 249 10.21 -25.92 6.33
N LYS A 250 9.29 -24.97 6.26
CA LYS A 250 8.93 -24.35 4.99
C LYS A 250 9.72 -23.08 4.74
N ASP A 251 9.73 -22.66 3.48
CA ASP A 251 10.31 -21.37 3.09
C ASP A 251 9.37 -20.26 3.54
N VAL A 252 9.79 -19.52 4.56
CA VAL A 252 8.92 -18.50 5.14
C VAL A 252 8.87 -17.24 4.30
N ASN A 253 9.92 -16.96 3.54
CA ASN A 253 9.96 -15.73 2.74
C ASN A 253 9.04 -15.78 1.53
N SER A 254 8.44 -16.93 1.24
CA SER A 254 7.52 -17.08 0.12
C SER A 254 6.08 -17.27 0.56
N MET A 255 5.78 -17.07 1.83
CA MET A 255 4.41 -17.19 2.34
C MET A 255 3.61 -15.90 2.17
N GLN A 256 4.21 -14.86 1.61
CA GLN A 256 3.52 -13.63 1.28
C GLN A 256 4.27 -12.96 0.14
N THR A 257 3.54 -12.59 -0.91
CA THR A 257 4.19 -12.08 -2.12
C THR A 257 4.85 -10.72 -1.92
N ARG A 258 4.59 -10.05 -0.81
CA ARG A 258 5.06 -8.68 -0.63
C ARG A 258 5.22 -8.38 0.85
N TRP A 259 6.44 -8.06 1.27
CA TRP A 259 6.72 -7.62 2.63
C TRP A 259 7.02 -6.13 2.61
N CYS A 260 6.71 -5.46 3.72
CA CYS A 260 6.94 -4.03 3.84
C CYS A 260 7.49 -3.73 5.24
N THR A 261 7.93 -2.50 5.42
CA THR A 261 8.35 -2.02 6.74
C THR A 261 7.26 -2.35 7.76
N SER A 262 7.66 -3.01 8.85
CA SER A 262 6.78 -3.43 9.94
C SER A 262 5.89 -4.61 9.54
N GLU A 263 6.09 -5.20 8.37
CA GLU A 263 5.23 -6.24 7.84
C GLU A 263 6.06 -7.39 7.27
N ASP A 264 7.00 -7.89 8.06
CA ASP A 264 7.89 -8.96 7.64
C ASP A 264 7.82 -10.11 8.64
N PRO A 265 8.14 -11.34 8.21
CA PRO A 265 7.91 -12.50 9.08
C PRO A 265 8.67 -12.47 10.40
N SER A 266 9.84 -11.80 10.44
CA SER A 266 10.63 -11.77 11.66
C SER A 266 9.92 -11.00 12.77
N LEU A 267 9.37 -9.82 12.43
CA LEU A 267 8.60 -9.08 13.42
C LEU A 267 7.33 -9.82 13.81
N PHE A 268 6.72 -10.53 12.86
CA PHE A 268 5.55 -11.35 13.18
C PHE A 268 5.88 -12.39 14.24
N LYS A 269 6.94 -13.16 14.03
CA LYS A 269 7.30 -14.21 14.98
C LYS A 269 7.61 -13.62 16.35
N GLU A 270 8.26 -12.45 16.39
CA GLU A 270 8.60 -11.83 17.66
C GLU A 270 7.35 -11.48 18.46
N ARG A 271 6.35 -10.89 17.80
CA ARG A 271 5.12 -10.51 18.50
CA ARG A 271 5.13 -10.52 18.51
C ARG A 271 4.40 -11.74 19.04
N TRP A 272 4.22 -12.77 18.20
CA TRP A 272 3.46 -13.94 18.61
C TRP A 272 4.23 -14.80 19.60
N ASP A 273 5.55 -14.89 19.46
CA ASP A 273 6.36 -15.60 20.45
C ASP A 273 6.11 -15.04 21.85
N LYS A 274 6.03 -13.71 21.96
CA LYS A 274 5.71 -13.09 23.24
C LYS A 274 4.32 -13.49 23.72
N LEU A 275 3.31 -13.34 22.85
CA LEU A 275 1.94 -13.66 23.25
C LEU A 275 1.79 -15.14 23.59
N PHE A 276 2.42 -16.03 22.81
CA PHE A 276 2.36 -17.44 23.13
C PHE A 276 2.91 -17.73 24.52
N LYS A 277 3.97 -17.00 24.91
CA LYS A 277 4.50 -17.15 26.26
C LYS A 277 3.48 -16.72 27.30
N GLU A 278 2.74 -15.64 27.01
CA GLU A 278 1.80 -15.07 27.96
C GLU A 278 0.42 -15.72 27.91
N PHE A 279 0.18 -16.62 26.96
CA PHE A 279 -1.09 -17.34 26.84
C PHE A 279 -0.85 -18.83 26.73
N ASN A 280 0.02 -19.37 27.60
CA ASN A 280 0.25 -20.80 27.68
C ASN A 280 -0.13 -21.38 29.05
N ASN A 281 -0.72 -20.57 29.92
CA ASN A 281 -1.17 -21.05 31.23
C ASN A 281 -2.39 -20.23 31.64
N ALA A 282 -3.56 -20.84 31.57
CA ALA A 282 -4.80 -20.12 31.87
C ALA A 282 -4.81 -19.59 33.30
N GLU A 283 -4.14 -20.27 34.22
CA GLU A 283 -4.08 -19.84 35.61
C GLU A 283 -3.09 -18.71 35.84
N LYS A 284 -2.46 -18.21 34.77
CA LYS A 284 -1.47 -17.14 34.85
C LYS A 284 -1.83 -15.94 34.00
N VAL A 285 -2.88 -16.05 33.17
CA VAL A 285 -3.18 -15.00 32.21
C VAL A 285 -3.40 -13.68 32.91
N ASP A 286 -2.70 -12.64 32.42
CA ASP A 286 -2.84 -11.26 32.87
C ASP A 286 -3.94 -10.57 32.08
N PRO A 287 -4.94 -9.97 32.72
CA PRO A 287 -6.02 -9.34 31.94
C PRO A 287 -5.52 -8.23 31.04
N SER A 288 -4.36 -7.64 31.36
CA SER A 288 -3.80 -6.60 30.50
C SER A 288 -3.38 -7.15 29.15
N LYS A 289 -3.06 -8.45 29.08
CA LYS A 289 -2.53 -9.04 27.86
C LYS A 289 -3.62 -9.50 26.89
N ILE A 290 -4.90 -9.42 27.28
CA ILE A 290 -5.97 -9.69 26.32
C ILE A 290 -5.96 -8.64 25.22
N SER A 291 -5.78 -7.37 25.59
CA SER A 291 -5.76 -6.30 24.59
C SER A 291 -4.56 -6.45 23.66
N GLU A 292 -3.41 -6.87 24.20
CA GLU A 292 -2.24 -7.08 23.35
C GLU A 292 -2.50 -8.19 22.34
N LEU A 293 -3.08 -9.30 22.80
CA LEU A 293 -3.39 -10.40 21.89
C LEU A 293 -4.34 -9.95 20.79
N TYR A 294 -5.38 -9.21 21.17
CA TYR A 294 -6.36 -8.78 20.18
C TYR A 294 -5.82 -7.68 19.28
N ASP A 295 -4.90 -6.85 19.79
CA ASP A 295 -4.35 -5.79 18.95
C ASP A 295 -3.45 -6.36 17.86
N THR A 296 -2.62 -7.36 18.18
CA THR A 296 -1.79 -7.97 17.16
C THR A 296 -2.64 -8.73 16.15
N MET A 297 -3.70 -9.39 16.62
CA MET A 297 -4.59 -10.12 15.73
C MET A 297 -5.26 -9.19 14.73
N LYS A 298 -5.75 -8.04 15.21
CA LYS A 298 -6.25 -7.03 14.29
C LYS A 298 -5.17 -6.58 13.32
N TYR A 299 -3.96 -6.35 13.84
CA TYR A 299 -2.86 -5.84 13.01
C TYR A 299 -2.51 -6.82 11.90
N ASP A 300 -2.33 -8.10 12.25
CA ASP A 300 -1.86 -9.08 11.27
C ASP A 300 -2.93 -9.38 10.24
N ALA A 301 -4.18 -9.56 10.68
CA ALA A 301 -5.28 -9.75 9.72
C ALA A 301 -5.45 -8.53 8.82
N LEU A 302 -4.92 -7.39 9.23
CA LEU A 302 -5.03 -6.13 8.49
C LEU A 302 -3.81 -5.83 7.65
N HIS A 303 -2.61 -6.17 8.13
CA HIS A 303 -1.37 -5.81 7.47
C HIS A 303 -0.51 -6.98 7.03
N ASN A 304 -0.75 -8.18 7.56
CA ASN A 304 -0.01 -9.39 7.19
C ASN A 304 -0.99 -10.53 6.94
N ARG A 305 -2.00 -10.26 6.13
CA ARG A 305 -3.10 -11.21 5.95
CA ARG A 305 -3.10 -11.19 5.94
C ARG A 305 -2.61 -12.52 5.36
N GLN A 306 -1.88 -12.47 4.25
CA GLN A 306 -1.45 -13.70 3.59
C GLN A 306 -0.56 -14.53 4.50
N PHE A 307 0.45 -13.89 5.10
CA PHE A 307 1.37 -14.63 5.96
C PHE A 307 0.63 -15.21 7.16
N LEU A 308 -0.34 -14.46 7.71
CA LEU A 308 -1.15 -14.98 8.81
C LEU A 308 -1.80 -16.30 8.42
N GLU A 309 -2.37 -16.37 7.21
CA GLU A 309 -2.97 -17.61 6.73
C GLU A 309 -1.94 -18.73 6.68
N ASN A 310 -0.80 -18.47 6.05
CA ASN A 310 0.12 -19.55 5.70
C ASN A 310 0.92 -20.05 6.90
N ILE A 311 1.33 -19.14 7.79
CA ILE A 311 2.18 -19.56 8.89
C ILE A 311 1.39 -20.31 9.96
N PHE A 312 0.07 -20.15 9.99
CA PHE A 312 -0.79 -20.89 10.91
C PHE A 312 -1.58 -22.00 10.22
N ASP A 313 -1.26 -22.30 8.97
CA ASP A 313 -1.96 -23.36 8.25
C ASP A 313 -1.43 -24.72 8.69
N PRO A 314 -2.27 -25.58 9.29
CA PRO A 314 -1.76 -26.90 9.70
C PRO A 314 -1.51 -27.83 8.54
N GLY A 315 -2.29 -27.73 7.47
CA GLY A 315 -2.13 -28.60 6.32
C GLY A 315 -3.35 -29.49 6.11
N ARG A 324 -9.85 -17.95 6.34
CA ARG A 324 -10.27 -18.09 7.73
C ARG A 324 -10.22 -19.55 8.15
N PHE A 325 -9.05 -20.03 8.56
CA PHE A 325 -8.93 -21.39 9.06
C PHE A 325 -9.73 -21.54 10.36
N MET A 326 -10.30 -22.73 10.54
CA MET A 326 -11.30 -22.91 11.60
C MET A 326 -10.69 -22.71 12.99
N GLN A 327 -9.53 -23.31 13.24
CA GLN A 327 -8.87 -23.08 14.53
C GLN A 327 -8.44 -21.62 14.67
N LEU A 328 -8.18 -20.94 13.55
CA LEU A 328 -7.81 -19.53 13.60
C LEU A 328 -9.04 -18.64 13.79
N ARG A 329 -10.11 -18.91 13.02
CA ARG A 329 -11.34 -18.15 13.20
C ARG A 329 -11.85 -18.28 14.62
N GLU A 330 -11.80 -19.51 15.17
CA GLU A 330 -12.20 -19.71 16.55
C GLU A 330 -11.37 -18.86 17.50
N LEU A 331 -10.06 -18.80 17.27
CA LEU A 331 -9.20 -18.00 18.13
C LEU A 331 -9.53 -16.52 18.05
N TYR A 332 -9.76 -16.01 16.83
CA TYR A 332 -10.13 -14.61 16.68
C TYR A 332 -11.46 -14.31 17.35
N LYS A 333 -12.45 -15.19 17.17
CA LYS A 333 -13.77 -14.94 17.75
C LYS A 333 -13.72 -14.91 19.26
N LEU A 334 -12.99 -15.85 19.87
CA LEU A 334 -12.91 -15.89 21.33
C LEU A 334 -12.11 -14.71 21.87
N ALA A 335 -11.07 -14.27 21.16
CA ALA A 335 -10.30 -13.11 21.60
C ALA A 335 -11.15 -11.84 21.56
N LYS A 336 -12.00 -11.70 20.55
CA LYS A 336 -12.87 -10.52 20.46
C LYS A 336 -13.86 -10.50 21.62
N VAL A 337 -14.35 -11.66 22.05
CA VAL A 337 -15.25 -11.72 23.20
C VAL A 337 -14.54 -11.21 24.44
N LEU A 338 -13.32 -11.68 24.68
CA LEU A 338 -12.56 -11.23 25.84
C LEU A 338 -12.27 -9.74 25.76
N PHE A 339 -11.96 -9.23 24.56
CA PHE A 339 -11.68 -7.81 24.40
C PHE A 339 -12.94 -6.97 24.53
N ASP A 340 -14.12 -7.53 24.26
CA ASP A 340 -15.36 -6.78 24.32
C ASP A 340 -16.01 -6.79 25.69
N PHE A 341 -15.61 -7.70 26.58
CA PHE A 341 -16.26 -7.84 27.88
C PHE A 341 -15.30 -7.93 29.05
N ILE A 342 -13.99 -7.91 28.82
CA ILE A 342 -12.99 -7.83 29.87
C ILE A 342 -12.22 -6.52 29.82
N CYS A 343 -11.69 -6.16 28.65
CA CYS A 343 -10.90 -4.94 28.55
C CYS A 343 -11.69 -3.68 28.89
N PRO A 344 -12.94 -3.51 28.46
CA PRO A 344 -13.67 -2.29 28.85
C PRO A 344 -13.84 -2.15 30.34
N LYS A 345 -13.72 -3.23 31.10
CA LYS A 345 -13.93 -3.23 32.54
C LYS A 345 -12.63 -3.04 33.31
N GLU A 346 -11.50 -2.88 32.61
CA GLU A 346 -10.32 -2.32 33.25
C GLU A 346 -10.55 -0.87 33.67
N TYR A 347 -11.54 -0.20 33.08
CA TYR A 347 -11.94 1.15 33.45
C TYR A 347 -13.09 1.15 34.46
N GLY A 348 -13.38 0.01 35.09
CA GLY A 348 -14.44 -0.07 36.07
C GLY A 348 -15.43 -1.17 35.77
N ILE A 349 -15.80 -1.96 36.78
CA ILE A 349 -16.78 -3.02 36.62
C ILE A 349 -18.15 -2.47 36.99
N SER A 350 -18.30 -2.05 38.25
CA SER A 350 -19.56 -1.46 38.69
C SER A 350 -19.72 -0.05 38.14
N ASP A 351 -20.94 0.46 38.23
CA ASP A 351 -21.21 1.82 37.77
C ASP A 351 -20.41 2.83 38.59
N ALA A 352 -20.29 2.60 39.90
CA ALA A 352 -19.50 3.49 40.74
C ALA A 352 -18.03 3.48 40.33
N GLU A 353 -17.50 2.30 40.00
CA GLU A 353 -16.10 2.21 39.56
C GLU A 353 -15.91 2.90 38.22
N LYS A 354 -16.80 2.63 37.26
CA LYS A 354 -16.72 3.32 35.97
C LYS A 354 -16.82 4.83 36.14
N LEU A 355 -17.58 5.29 37.14
CA LEU A 355 -17.75 6.71 37.36
C LEU A 355 -16.47 7.33 37.92
N ASP A 356 -15.99 6.82 39.05
CA ASP A 356 -14.78 7.40 39.63
C ASP A 356 -13.63 7.30 38.64
N ILE A 357 -13.30 6.09 38.18
CA ILE A 357 -12.19 5.93 37.24
C ILE A 357 -12.39 6.87 36.05
N GLY A 358 -13.61 6.97 35.56
CA GLY A 358 -13.88 7.89 34.46
C GLY A 358 -13.55 9.32 34.81
N LEU A 359 -13.90 9.74 36.03
CA LEU A 359 -13.62 11.11 36.45
C LEU A 359 -12.13 11.30 36.73
N LEU A 360 -11.52 10.38 37.50
CA LEU A 360 -10.11 10.54 37.83
C LEU A 360 -9.25 10.63 36.57
N THR A 361 -9.70 10.03 35.46
CA THR A 361 -8.94 10.02 34.23
C THR A 361 -9.19 11.25 33.37
N SER A 362 -10.47 11.61 33.19
CA SER A 362 -10.85 12.58 32.16
C SER A 362 -11.58 13.80 32.72
N LEU A 363 -11.54 14.04 34.03
CA LEU A 363 -12.21 15.24 34.55
C LEU A 363 -11.66 16.50 33.91
N PRO A 364 -10.34 16.72 33.82
CA PRO A 364 -9.86 17.95 33.18
C PRO A 364 -10.37 18.13 31.77
N LEU A 365 -10.34 17.07 30.96
CA LEU A 365 -10.89 17.16 29.61
C LEU A 365 -12.39 17.45 29.65
N ALA A 366 -13.12 16.80 30.55
CA ALA A 366 -14.56 17.01 30.63
C ALA A 366 -14.88 18.47 30.95
N LYS A 367 -14.15 19.07 31.89
CA LYS A 367 -14.36 20.49 32.18
C LYS A 367 -14.01 21.34 30.97
N GLN A 368 -12.94 20.99 30.25
CA GLN A 368 -12.56 21.75 29.08
C GLN A 368 -13.66 21.74 28.03
N ILE A 369 -14.28 20.58 27.81
CA ILE A 369 -15.33 20.47 26.79
C ILE A 369 -16.52 21.35 27.15
N LEU A 370 -16.96 21.27 28.41
CA LEU A 370 -18.13 22.05 28.82
C LEU A 370 -17.86 23.55 28.72
N ASN A 371 -16.66 23.98 29.11
CA ASN A 371 -16.31 25.40 28.99
C ASN A 371 -16.26 25.83 27.53
N ASP A 372 -15.68 25.01 26.66
CA ASP A 372 -15.70 25.33 25.23
C ASP A 372 -17.12 25.36 24.70
N ILE A 373 -17.95 24.40 25.11
CA ILE A 373 -19.36 24.43 24.77
C ILE A 373 -20.00 25.70 25.30
N GLY A 374 -19.68 26.09 26.53
CA GLY A 374 -20.21 27.32 27.08
C GLY A 374 -19.80 28.54 26.27
N ASP A 375 -18.54 28.58 25.83
CA ASP A 375 -18.08 29.69 25.00
C ASP A 375 -18.81 29.71 23.66
N MET A 376 -19.03 28.54 23.06
CA MET A 376 -19.65 28.52 21.73
C MET A 376 -21.06 29.08 21.75
N LYS A 377 -21.79 28.94 22.87
CA LYS A 377 -23.10 29.55 22.96
C LYS A 377 -23.01 31.06 22.87
N ASN A 378 -22.01 31.66 23.55
CA ASN A 378 -21.90 33.10 23.64
C ASN A 378 -21.23 33.74 22.43
N ARG A 379 -20.65 32.93 21.54
CA ARG A 379 -19.99 33.48 20.36
C ARG A 379 -21.01 34.06 19.39
N GLU A 380 -20.50 34.89 18.48
CA GLU A 380 -21.28 35.37 17.34
C GLU A 380 -20.95 34.62 16.06
N THR A 381 -19.79 33.99 15.98
CA THR A 381 -19.36 33.18 14.84
C THR A 381 -19.31 31.71 15.23
N PRO A 382 -19.74 30.80 14.36
CA PRO A 382 -19.67 29.38 14.71
C PRO A 382 -18.23 28.89 14.75
N ALA A 383 -17.99 27.86 15.55
CA ALA A 383 -16.64 27.37 15.78
C ALA A 383 -16.65 25.87 15.95
N CYS A 384 -15.47 25.27 15.93
CA CYS A 384 -15.28 23.86 16.21
C CYS A 384 -14.02 23.69 17.04
N VAL A 385 -14.07 22.76 17.98
CA VAL A 385 -12.91 22.40 18.79
C VAL A 385 -12.72 20.90 18.68
N ALA A 386 -11.55 20.48 18.20
CA ALA A 386 -11.23 19.07 18.02
C ALA A 386 -10.17 18.67 19.03
N TYR A 387 -10.46 17.61 19.78
CA TYR A 387 -9.53 17.07 20.76
C TYR A 387 -9.08 15.69 20.26
N PHE A 388 -7.81 15.56 19.94
CA PHE A 388 -7.22 14.29 19.55
C PHE A 388 -6.59 13.66 20.78
N THR A 389 -7.05 12.48 21.15
CA THR A 389 -6.79 11.91 22.46
C THR A 389 -6.28 10.49 22.35
N LYS A 390 -5.61 10.04 23.40
CA LYS A 390 -5.26 8.63 23.54
C LYS A 390 -6.52 7.80 23.75
N GLU A 391 -6.37 6.49 23.56
CA GLU A 391 -7.53 5.60 23.56
C GLU A 391 -8.27 5.65 24.90
N SER A 392 -7.56 5.91 26.00
CA SER A 392 -8.17 5.77 27.31
C SER A 392 -9.29 6.78 27.53
N HIS A 393 -9.11 8.02 27.06
CA HIS A 393 -10.08 9.07 27.38
C HIS A 393 -11.43 8.82 26.73
N ILE A 394 -11.47 8.09 25.61
CA ILE A 394 -12.75 7.81 24.96
C ILE A 394 -13.61 6.91 25.84
N TYR A 395 -13.02 5.81 26.34
CA TYR A 395 -13.75 4.93 27.24
C TYR A 395 -14.26 5.69 28.46
N THR A 396 -13.37 6.41 29.13
CA THR A 396 -13.71 7.08 30.38
C THR A 396 -14.75 8.17 30.16
N LEU A 397 -14.62 8.93 29.08
CA LEU A 397 -15.55 10.04 28.85
C LEU A 397 -16.97 9.52 28.57
N LEU A 398 -17.08 8.40 27.86
CA LEU A 398 -18.40 7.82 27.64
C LEU A 398 -19.03 7.38 28.96
N ASN A 399 -18.23 6.84 29.87
CA ASN A 399 -18.76 6.44 31.17
C ASN A 399 -19.30 7.65 31.94
N ILE A 400 -18.59 8.78 31.87
CA ILE A 400 -19.09 9.99 32.50
C ILE A 400 -20.44 10.38 31.91
N ILE A 401 -20.59 10.24 30.59
CA ILE A 401 -21.84 10.62 29.94
C ILE A 401 -23.00 9.80 30.48
N TYR A 402 -22.83 8.49 30.56
CA TYR A 402 -23.91 7.62 30.98
C TYR A 402 -24.19 7.75 32.47
N GLU A 403 -23.14 7.72 33.29
CA GLU A 403 -23.33 7.76 34.73
C GLU A 403 -23.72 9.15 35.24
N SER A 404 -23.84 10.14 34.36
CA SER A 404 -24.29 11.46 34.77
C SER A 404 -25.80 11.55 34.96
N GLY A 405 -26.55 10.53 34.53
CA GLY A 405 -27.99 10.59 34.56
C GLY A 405 -28.62 11.24 33.34
N ILE A 406 -27.84 11.55 32.31
CA ILE A 406 -28.40 12.13 31.08
C ILE A 406 -29.18 11.07 30.33
N PRO A 407 -30.42 11.34 29.90
CA PRO A 407 -31.18 10.32 29.17
C PRO A 407 -30.51 9.99 27.84
N MET A 408 -30.22 8.70 27.65
CA MET A 408 -29.54 8.22 26.46
C MET A 408 -30.52 7.51 25.54
N ARG A 409 -30.14 7.44 24.26
CA ARG A 409 -30.94 6.69 23.29
C ARG A 409 -30.54 5.22 23.20
N ILE A 410 -29.32 4.87 23.59
CA ILE A 410 -28.82 3.51 23.47
C ILE A 410 -28.05 3.15 24.74
N ALA A 411 -28.21 1.92 25.19
CA ALA A 411 -27.54 1.45 26.39
C ALA A 411 -26.07 1.14 26.11
N ARG A 412 -25.28 1.16 27.18
CA ARG A 412 -23.83 0.97 27.03
C ARG A 412 -23.51 -0.41 26.47
N ASN A 413 -24.16 -1.46 26.99
CA ASN A 413 -23.87 -2.80 26.51
C ASN A 413 -24.14 -2.94 25.02
N ALA A 414 -25.08 -2.15 24.50
CA ALA A 414 -25.38 -2.19 23.07
C ALA A 414 -24.39 -1.38 22.22
N LEU A 415 -23.52 -0.59 22.85
CA LEU A 415 -22.61 0.24 22.07
C LEU A 415 -21.61 -0.64 21.31
N PRO A 416 -21.26 -0.27 20.08
CA PRO A 416 -20.31 -1.07 19.32
C PRO A 416 -18.90 -0.99 19.89
N GLU A 417 -18.06 -1.93 19.46
CA GLU A 417 -16.68 -1.98 19.92
C GLU A 417 -15.92 -0.76 19.44
N LEU A 418 -15.21 -0.11 20.35
CA LEU A 418 -14.41 1.05 19.98
C LEU A 418 -13.15 0.60 19.23
N ASP A 419 -12.83 1.31 18.16
CA ASP A 419 -11.72 0.95 17.29
C ASP A 419 -10.95 2.23 16.97
N TYR A 420 -10.05 2.14 16.00
CA TYR A 420 -9.21 3.28 15.64
C TYR A 420 -10.06 4.41 15.08
N LEU A 421 -9.75 5.64 15.51
CA LEU A 421 -10.42 6.85 15.06
C LEU A 421 -11.86 6.93 15.53
N SER A 422 -12.19 6.26 16.64
CA SER A 422 -13.51 6.42 17.23
C SER A 422 -13.65 7.84 17.78
N GLN A 423 -14.88 8.34 17.77
CA GLN A 423 -15.12 9.74 18.07
C GLN A 423 -16.27 9.90 19.07
N ILE A 424 -16.19 10.96 19.86
CA ILE A 424 -17.29 11.43 20.70
C ILE A 424 -17.61 12.86 20.27
N THR A 425 -18.88 13.13 20.02
CA THR A 425 -19.31 14.39 19.41
C THR A 425 -20.30 15.10 20.30
N PHE A 426 -20.13 16.42 20.42
CA PHE A 426 -21.03 17.30 21.15
C PHE A 426 -21.50 18.38 20.17
N GLU A 427 -22.69 18.20 19.59
CA GLU A 427 -23.20 19.14 18.61
C GLU A 427 -24.06 20.20 19.29
N LEU A 428 -23.75 21.47 19.04
CA LEU A 428 -24.47 22.60 19.61
C LEU A 428 -25.41 23.17 18.57
N TYR A 429 -26.67 23.40 18.97
CA TYR A 429 -27.63 24.10 18.14
C TYR A 429 -28.29 25.18 18.98
N GLU A 430 -28.40 26.39 18.43
CA GLU A 430 -28.92 27.53 19.15
C GLU A 430 -30.33 27.85 18.69
N SER A 431 -31.13 28.39 19.61
CA SER A 431 -32.50 28.82 19.34
C SER A 431 -32.58 30.30 19.70
N THR A 432 -32.19 31.15 18.76
CA THR A 432 -32.28 32.59 18.95
C THR A 432 -33.68 33.13 18.66
N ASP A 433 -34.62 32.26 18.31
CA ASP A 433 -35.98 32.64 18.00
C ASP A 433 -36.75 32.93 19.28
N ALA A 434 -38.06 33.06 19.18
CA ALA A 434 -38.91 33.47 20.30
C ALA A 434 -38.41 34.79 20.88
N SER A 435 -38.43 35.80 20.04
CA SER A 435 -37.82 37.10 20.38
C SER A 435 -36.31 36.87 20.53
N GLY A 436 -35.66 37.73 21.31
CA GLY A 436 -34.24 37.57 21.54
C GLY A 436 -33.88 36.41 22.44
N GLN A 437 -34.86 35.80 23.10
CA GLN A 437 -34.62 34.65 23.96
C GLN A 437 -33.80 33.60 23.22
N LYS A 438 -32.63 33.29 23.75
CA LYS A 438 -31.69 32.37 23.11
C LYS A 438 -31.57 31.11 23.95
N SER A 439 -32.04 30.00 23.41
CA SER A 439 -31.90 28.68 24.02
C SER A 439 -31.04 27.80 23.13
N HIS A 440 -30.47 26.76 23.73
CA HIS A 440 -29.52 25.90 23.03
C HIS A 440 -29.80 24.44 23.33
N SER A 441 -29.67 23.61 22.30
CA SER A 441 -29.81 22.16 22.43
C SER A 441 -28.49 21.50 22.07
N ILE A 442 -28.13 20.46 22.82
CA ILE A 442 -26.92 19.70 22.58
C ILE A 442 -27.32 18.25 22.29
N ARG A 443 -26.76 17.69 21.22
CA ARG A 443 -26.97 16.29 20.86
C ARG A 443 -25.63 15.60 20.83
N LEU A 444 -25.51 14.48 21.55
CA LEU A 444 -24.27 13.74 21.66
C LEU A 444 -24.30 12.56 20.72
N LYS A 445 -23.23 12.40 19.95
CA LYS A 445 -23.08 11.29 19.01
C LYS A 445 -21.68 10.69 19.16
N MET A 446 -21.55 9.42 18.81
CA MET A 446 -20.27 8.73 18.83
C MET A 446 -20.14 7.89 17.57
N SER A 447 -18.90 7.49 17.30
CA SER A 447 -18.60 6.55 16.23
C SER A 447 -17.57 5.56 16.75
N PRO A 448 -17.73 4.27 16.46
CA PRO A 448 -16.71 3.30 16.87
C PRO A 448 -15.44 3.36 16.05
N GLY A 449 -15.35 4.26 15.08
CA GLY A 449 -14.14 4.42 14.30
C GLY A 449 -14.08 3.51 13.10
N CYS A 450 -12.86 3.18 12.67
CA CYS A 450 -12.65 2.34 11.49
C CYS A 450 -12.63 0.89 11.95
N HIS A 451 -13.81 0.26 11.87
CA HIS A 451 -14.01 -1.08 12.42
C HIS A 451 -14.63 -1.99 11.37
N THR A 452 -14.15 -3.23 11.35
CA THR A 452 -14.77 -4.30 10.58
C THR A 452 -15.07 -5.46 11.51
N GLN A 453 -16.27 -6.03 11.36
CA GLN A 453 -16.69 -7.17 12.17
C GLN A 453 -16.20 -8.50 11.62
N ASP A 454 -15.50 -8.49 10.49
CA ASP A 454 -15.00 -9.71 9.85
C ASP A 454 -13.58 -9.47 9.36
N PRO A 455 -12.64 -9.27 10.28
CA PRO A 455 -11.26 -8.97 9.85
C PRO A 455 -10.61 -10.08 9.05
N LEU A 456 -10.99 -11.34 9.28
CA LEU A 456 -10.41 -12.47 8.56
C LEU A 456 -11.09 -12.70 7.22
N ASP A 457 -12.11 -11.92 6.86
CA ASP A 457 -12.84 -12.11 5.62
C ASP A 457 -12.83 -10.91 4.68
N VAL A 458 -12.60 -9.71 5.19
CA VAL A 458 -12.55 -8.53 4.33
C VAL A 458 -11.31 -8.61 3.45
N GLN A 459 -11.47 -8.21 2.19
CA GLN A 459 -10.39 -8.22 1.20
C GLN A 459 -9.89 -6.80 1.00
N LEU A 460 -8.60 -6.59 1.24
CA LEU A 460 -8.01 -5.27 1.22
C LEU A 460 -6.90 -5.20 0.16
N ASP A 461 -6.65 -3.99 -0.31
CA ASP A 461 -5.56 -3.74 -1.25
C ASP A 461 -4.33 -3.29 -0.46
N ASP A 462 -3.31 -2.80 -1.16
CA ASP A 462 -2.05 -2.45 -0.50
C ASP A 462 -2.23 -1.39 0.59
N ARG A 463 -3.33 -0.63 0.55
CA ARG A 463 -3.54 0.38 1.57
C ARG A 463 -3.82 -0.22 2.94
N HIS A 464 -4.39 -1.42 2.99
CA HIS A 464 -4.70 -2.08 4.25
C HIS A 464 -5.54 -1.17 5.14
N TYR A 465 -6.57 -0.58 4.53
CA TYR A 465 -7.27 0.57 5.09
C TYR A 465 -8.74 0.22 5.33
N ILE A 466 -9.19 0.43 6.56
CA ILE A 466 -10.58 0.19 6.95
C ILE A 466 -11.30 1.53 6.99
N SER A 467 -12.44 1.61 6.32
CA SER A 467 -13.22 2.84 6.32
C SER A 467 -13.83 3.10 7.70
N CYS A 468 -14.22 4.35 7.92
CA CYS A 468 -14.80 4.77 9.19
C CYS A 468 -16.30 4.51 9.20
N ILE A 469 -16.82 4.14 10.37
CA ILE A 469 -18.24 3.86 10.54
C ILE A 469 -18.97 5.17 10.84
N PRO A 470 -20.08 5.46 10.18
CA PRO A 470 -20.80 6.72 10.46
C PRO A 470 -21.20 6.81 11.93
N LYS A 471 -21.47 8.05 12.34
CA LYS A 471 -21.82 8.30 13.73
C LYS A 471 -23.21 7.76 14.06
N ILE A 472 -23.41 7.45 15.34
CA ILE A 472 -24.71 7.01 15.84
C ILE A 472 -25.09 7.93 17.00
N SER A 473 -26.38 8.25 17.10
CA SER A 473 -26.84 9.24 18.06
C SER A 473 -27.01 8.62 19.44
N LEU A 474 -26.36 9.21 20.44
CA LEU A 474 -26.52 8.79 21.82
C LEU A 474 -27.68 9.46 22.51
N THR A 475 -28.01 10.70 22.12
CA THR A 475 -29.13 11.42 22.69
C THR A 475 -29.86 12.16 21.57
N LYS A 476 -31.01 12.70 21.91
CA LYS A 476 -31.71 13.65 21.06
C LYS A 476 -31.35 15.07 21.52
N HIS A 477 -32.05 16.06 20.98
CA HIS A 477 -31.75 17.45 21.33
C HIS A 477 -32.18 17.73 22.76
N LEU A 478 -31.22 18.04 23.62
CA LEU A 478 -31.44 18.24 25.04
C LEU A 478 -31.08 19.66 25.44
N ASP A 479 -31.81 20.20 26.40
CA ASP A 479 -31.54 21.54 26.90
C ASP A 479 -30.10 21.64 27.38
N MET A 480 -29.39 22.68 26.94
CA MET A 480 -27.98 22.79 27.27
C MET A 480 -27.75 22.91 28.77
N ASP A 481 -28.50 23.79 29.43
CA ASP A 481 -28.32 23.98 30.86
C ASP A 481 -28.55 22.68 31.62
N TYR A 482 -29.43 21.81 31.12
CA TYR A 482 -29.67 20.53 31.77
C TYR A 482 -28.46 19.61 31.63
N VAL A 483 -27.93 19.48 30.42
CA VAL A 483 -26.84 18.54 30.18
C VAL A 483 -25.57 18.95 30.91
N GLN A 484 -25.38 20.26 31.16
CA GLN A 484 -24.21 20.68 31.91
C GLN A 484 -24.36 20.44 33.40
N GLN A 485 -25.58 20.55 33.94
CA GLN A 485 -25.78 20.36 35.37
C GLN A 485 -25.62 18.91 35.76
N LYS A 486 -26.21 17.99 34.99
CA LYS A 486 -26.08 16.57 35.29
C LYS A 486 -24.62 16.15 35.30
N LEU A 487 -23.81 16.70 34.40
CA LEU A 487 -22.38 16.39 34.38
C LEU A 487 -21.67 17.05 35.56
N ARG A 488 -21.94 18.33 35.82
CA ARG A 488 -21.23 19.04 36.87
C ARG A 488 -21.68 18.63 38.26
N ASN A 489 -22.80 17.91 38.40
CA ASN A 489 -23.19 17.40 39.71
C ASN A 489 -22.33 16.23 40.13
N LYS A 490 -21.82 15.45 39.18
CA LYS A 490 -20.98 14.30 39.49
C LYS A 490 -19.51 14.66 39.70
N PHE A 491 -19.11 15.89 39.42
CA PHE A 491 -17.72 16.29 39.60
C PHE A 491 -17.31 16.33 41.06
N THR A 492 -18.27 16.24 41.99
CA THR A 492 -17.93 16.33 43.41
C THR A 492 -17.21 15.07 43.90
N ARG A 493 -17.60 13.91 43.39
CA ARG A 493 -17.00 12.65 43.82
C ARG A 493 -17.39 11.52 42.87
N GLY B 1 -23.09 5.58 -36.30
CA GLY B 1 -24.41 5.29 -36.80
C GLY B 1 -25.32 4.62 -35.78
N ALA B 2 -26.63 4.84 -35.92
CA ALA B 2 -27.60 4.30 -34.98
C ALA B 2 -28.18 2.97 -35.41
N LYS B 3 -28.07 2.63 -36.70
CA LYS B 3 -28.52 1.31 -37.16
C LYS B 3 -27.69 0.18 -36.58
N TRP B 4 -26.52 0.49 -36.02
CA TRP B 4 -25.53 -0.52 -35.67
C TRP B 4 -25.78 -1.07 -34.27
N VAL B 5 -25.70 -2.39 -34.15
CA VAL B 5 -25.81 -3.11 -32.88
C VAL B 5 -24.50 -3.86 -32.65
N PHE B 6 -23.97 -3.77 -31.44
CA PHE B 6 -22.73 -4.47 -31.12
C PHE B 6 -22.87 -5.96 -31.39
N LYS B 7 -21.87 -6.53 -32.06
CA LYS B 7 -21.92 -7.94 -32.43
C LYS B 7 -20.71 -8.72 -31.93
N GLY B 8 -19.55 -8.08 -31.86
CA GLY B 8 -18.35 -8.81 -31.47
C GLY B 8 -17.21 -7.87 -31.15
N LEU B 9 -16.28 -8.39 -30.36
CA LEU B 9 -15.10 -7.63 -29.94
C LEU B 9 -13.88 -8.54 -30.01
N ALA B 10 -12.84 -8.05 -30.68
CA ALA B 10 -11.50 -8.64 -30.61
C ALA B 10 -10.59 -7.57 -30.04
N ILE B 11 -10.05 -7.82 -28.84
CA ILE B 11 -9.29 -6.82 -28.10
C ILE B 11 -7.88 -7.35 -27.86
N ILE B 12 -6.89 -6.50 -28.09
CA ILE B 12 -5.48 -6.80 -27.85
C ILE B 12 -5.04 -5.94 -26.67
N ILE B 13 -4.52 -6.60 -25.63
CA ILE B 13 -4.20 -5.93 -24.37
C ILE B 13 -2.73 -6.14 -24.06
N ALA B 14 -1.99 -5.04 -23.99
CA ALA B 14 -0.58 -5.10 -23.60
C ALA B 14 -0.45 -5.40 -22.11
N ALA B 15 0.76 -5.81 -21.72
CA ALA B 15 0.98 -6.22 -20.34
C ALA B 15 0.83 -5.04 -19.39
N ALA B 16 0.42 -5.35 -18.15
CA ALA B 16 0.17 -4.35 -17.14
C ALA B 16 1.48 -3.88 -16.53
N ASP B 17 1.39 -3.10 -15.45
CA ASP B 17 2.57 -2.48 -14.85
C ASP B 17 3.63 -3.52 -14.50
N ALA B 18 4.87 -3.23 -14.87
CA ALA B 18 5.98 -4.15 -14.65
C ALA B 18 7.22 -3.38 -14.23
N THR B 19 8.18 -4.10 -13.65
CA THR B 19 9.44 -3.50 -13.25
C THR B 19 10.31 -3.23 -14.48
N PRO B 20 11.24 -2.29 -14.38
CA PRO B 20 12.09 -1.98 -15.54
C PRO B 20 12.92 -3.18 -15.97
N LYS B 21 13.05 -3.33 -17.28
CA LYS B 21 14.00 -4.28 -17.86
C LYS B 21 15.40 -3.69 -17.81
N GLN B 22 16.38 -4.57 -17.63
CA GLN B 22 17.78 -4.17 -17.72
C GLN B 22 18.58 -5.36 -18.23
N LYS B 23 19.75 -5.05 -18.79
CA LYS B 23 20.56 -6.11 -19.38
C LYS B 23 21.99 -5.63 -19.60
N PHE B 24 22.91 -6.59 -19.54
CA PHE B 24 24.27 -6.42 -20.03
C PHE B 24 24.48 -7.37 -21.21
N LYS B 25 25.12 -6.87 -22.26
CA LYS B 25 25.38 -7.66 -23.44
C LYS B 25 26.83 -7.49 -23.86
N HIS B 26 27.49 -8.61 -24.15
CA HIS B 26 28.89 -8.60 -24.59
C HIS B 26 29.12 -9.82 -25.45
N SER B 27 29.87 -9.63 -26.55
CA SER B 27 30.17 -10.71 -27.47
C SER B 27 31.49 -11.37 -27.11
N PHE B 28 31.56 -12.69 -27.35
CA PHE B 28 32.74 -13.46 -27.00
C PHE B 28 33.01 -14.50 -28.08
N THR B 29 34.29 -14.86 -28.22
CA THR B 29 34.72 -15.89 -29.14
C THR B 29 35.48 -17.03 -28.48
N SER B 30 35.79 -16.92 -27.19
CA SER B 30 36.54 -17.97 -26.52
C SER B 30 35.74 -19.27 -26.48
N PRO B 31 36.41 -20.42 -26.57
CA PRO B 31 35.66 -21.69 -26.55
C PRO B 31 34.83 -21.89 -25.29
N ILE B 32 35.31 -21.41 -24.14
CA ILE B 32 34.58 -21.64 -22.89
C ILE B 32 33.19 -21.03 -22.95
N PHE B 33 33.03 -19.93 -23.70
CA PHE B 33 31.72 -19.34 -23.90
C PHE B 33 30.89 -20.09 -24.95
N ILE B 34 31.51 -20.97 -25.74
CA ILE B 34 30.79 -21.77 -26.72
C ILE B 34 30.50 -23.12 -26.14
N SER B 35 31.26 -23.57 -25.15
CA SER B 35 31.07 -24.87 -24.56
C SER B 35 29.79 -24.97 -23.75
N LEU B 36 29.18 -23.84 -23.38
CA LEU B 36 27.93 -23.85 -22.64
C LEU B 36 26.71 -23.82 -23.55
N LEU B 37 26.90 -23.68 -24.87
CA LEU B 37 25.82 -23.87 -25.81
C LEU B 37 25.49 -25.35 -25.99
N LYS B 38 26.39 -26.25 -25.61
CA LYS B 38 26.20 -27.69 -25.77
C LYS B 38 25.97 -28.04 -27.24
N GLY B 39 26.78 -27.44 -28.11
CA GLY B 39 26.72 -27.72 -29.53
C GLY B 39 25.49 -27.21 -30.24
N HIS B 40 24.60 -26.52 -29.53
CA HIS B 40 23.35 -26.04 -30.14
C HIS B 40 23.64 -24.83 -31.00
N LYS B 41 23.33 -24.94 -32.30
CA LYS B 41 23.49 -23.83 -33.23
C LYS B 41 22.31 -22.85 -33.19
N GLU B 42 21.49 -22.90 -32.14
CA GLU B 42 20.32 -22.06 -31.99
C GLU B 42 20.48 -21.14 -30.79
N GLU B 43 19.53 -20.22 -30.63
CA GLU B 43 19.50 -19.37 -29.46
C GLU B 43 19.16 -20.19 -28.24
N VAL B 44 20.09 -20.24 -27.28
CA VAL B 44 19.91 -21.00 -26.05
C VAL B 44 19.57 -20.02 -24.93
N VAL B 45 18.36 -20.17 -24.38
CA VAL B 45 17.90 -19.39 -23.23
C VAL B 45 18.08 -20.25 -21.99
N ILE B 46 18.53 -19.62 -20.92
CA ILE B 46 18.79 -20.29 -19.65
C ILE B 46 17.99 -19.58 -18.57
N ARG B 47 17.20 -20.35 -17.81
CA ARG B 47 16.43 -19.79 -16.69
C ARG B 47 16.51 -20.62 -15.42
N ASN B 48 16.80 -21.91 -15.49
CA ASN B 48 16.92 -22.74 -14.30
C ASN B 48 18.02 -22.20 -13.38
N VAL B 49 17.70 -22.07 -12.09
CA VAL B 49 18.67 -21.52 -11.15
C VAL B 49 19.89 -22.42 -11.06
N ASN B 50 19.69 -23.74 -11.12
CA ASN B 50 20.83 -24.65 -11.16
C ASN B 50 21.66 -24.41 -12.41
N ASP B 51 21.01 -24.06 -13.53
CA ASP B 51 21.74 -23.74 -14.73
C ASP B 51 22.44 -22.39 -14.63
N LEU B 52 21.81 -21.42 -13.96
CA LEU B 52 22.48 -20.13 -13.77
C LEU B 52 23.73 -20.30 -12.92
N LYS B 53 23.66 -21.14 -11.89
CA LYS B 53 24.82 -21.33 -11.02
C LYS B 53 26.01 -21.90 -11.80
N ILE B 54 25.76 -22.89 -12.66
CA ILE B 54 26.86 -23.51 -13.40
C ILE B 54 27.44 -22.53 -14.42
N VAL B 55 26.61 -21.68 -15.03
CA VAL B 55 27.13 -20.67 -15.94
C VAL B 55 27.95 -19.64 -15.16
N LEU B 56 27.46 -19.25 -13.99
CA LEU B 56 28.22 -18.35 -13.12
C LEU B 56 29.57 -18.97 -12.78
N GLN B 57 29.57 -20.23 -12.34
CA GLN B 57 30.82 -20.91 -12.04
C GLN B 57 31.73 -20.94 -13.26
N ALA B 58 31.15 -21.15 -14.45
CA ALA B 58 31.93 -21.14 -15.67
C ALA B 58 32.57 -19.77 -15.90
N LEU B 59 31.84 -18.69 -15.60
CA LEU B 59 32.40 -17.36 -15.75
C LEU B 59 33.63 -17.18 -14.85
N ARG B 60 33.56 -17.69 -13.62
CA ARG B 60 34.73 -17.62 -12.74
C ARG B 60 35.86 -18.47 -13.28
N ILE B 61 35.54 -19.58 -13.94
CA ILE B 61 36.58 -20.39 -14.58
C ILE B 61 37.22 -19.62 -15.73
N ALA B 62 36.40 -19.03 -16.59
CA ALA B 62 36.94 -18.22 -17.68
C ALA B 62 37.77 -17.07 -17.16
N LEU B 63 37.43 -16.53 -15.98
CA LEU B 63 38.22 -15.45 -15.39
C LEU B 63 39.63 -15.92 -15.08
N ASP B 64 39.76 -17.02 -14.33
CA ASP B 64 41.09 -17.44 -13.87
C ASP B 64 41.99 -17.80 -15.03
N GLU B 65 41.46 -18.52 -16.02
CA GLU B 65 42.25 -18.88 -17.20
C GLU B 65 42.37 -17.74 -18.21
N LYS B 66 41.85 -16.56 -17.88
CA LYS B 66 41.93 -15.40 -18.77
C LYS B 66 41.35 -15.70 -20.14
N ALA B 67 40.34 -16.57 -20.19
CA ALA B 67 39.74 -17.00 -21.45
C ALA B 67 38.58 -16.07 -21.80
N GLY B 68 38.94 -14.83 -22.16
CA GLY B 68 37.97 -13.82 -22.52
C GLY B 68 38.28 -12.48 -21.91
N ASN B 69 37.55 -11.46 -22.31
CA ASN B 69 37.79 -10.11 -21.80
C ASN B 69 37.50 -10.06 -20.30
N PRO B 70 38.50 -9.83 -19.46
CA PRO B 70 38.22 -9.78 -18.01
C PRO B 70 37.25 -8.67 -17.64
N ALA B 71 37.35 -7.51 -18.28
CA ALA B 71 36.43 -6.42 -17.97
C ALA B 71 35.00 -6.83 -18.26
N LYS B 72 34.76 -7.50 -19.39
CA LYS B 72 33.41 -7.96 -19.71
C LYS B 72 32.95 -9.04 -18.73
N ILE B 73 33.84 -9.96 -18.38
CA ILE B 73 33.43 -11.08 -17.52
C ILE B 73 33.09 -10.59 -16.12
N LYS B 74 33.87 -9.64 -15.59
CA LYS B 74 33.66 -9.20 -14.21
C LYS B 74 32.28 -8.60 -14.01
N VAL B 75 31.84 -7.75 -14.94
CA VAL B 75 30.56 -7.07 -14.76
C VAL B 75 29.42 -8.08 -14.86
N LEU B 76 29.56 -9.08 -15.74
CA LEU B 76 28.51 -10.07 -15.91
C LEU B 76 28.43 -11.02 -14.72
N ALA B 77 29.59 -11.51 -14.26
CA ALA B 77 29.59 -12.46 -13.15
C ALA B 77 29.03 -11.82 -11.88
N ASN B 78 29.32 -10.53 -11.66
CA ASN B 78 28.81 -9.86 -10.48
C ASN B 78 27.30 -9.66 -10.58
N ALA B 79 26.80 -9.24 -11.75
CA ALA B 79 25.37 -9.05 -11.93
C ALA B 79 24.62 -10.36 -11.75
N LEU B 80 25.13 -11.44 -12.33
CA LEU B 80 24.45 -12.73 -12.25
C LEU B 80 24.38 -13.22 -10.81
N GLU B 81 25.49 -13.14 -10.09
CA GLU B 81 25.50 -13.62 -8.71
C GLU B 81 24.49 -12.86 -7.84
N LYS B 82 24.10 -11.65 -8.25
CA LYS B 82 23.13 -10.86 -7.49
C LYS B 82 21.70 -11.06 -7.94
N LYS B 83 21.48 -11.55 -9.16
CA LYS B 83 20.15 -11.64 -9.72
C LYS B 83 19.72 -13.06 -10.09
N LEU B 84 20.57 -14.06 -9.86
CA LEU B 84 20.22 -15.42 -10.31
C LEU B 84 18.98 -15.95 -9.61
N ASN B 85 18.64 -15.42 -8.43
CA ASN B 85 17.46 -15.84 -7.70
C ASN B 85 16.26 -14.94 -7.96
N PHE B 86 16.38 -13.92 -8.80
CA PHE B 86 15.22 -13.08 -9.07
C PHE B 86 14.37 -13.72 -10.17
N PRO B 87 13.04 -13.59 -10.08
CA PRO B 87 12.18 -14.35 -11.02
C PRO B 87 12.46 -14.08 -12.49
N GLY B 88 12.76 -12.83 -12.86
CA GLY B 88 12.91 -12.48 -14.25
C GLY B 88 14.27 -12.71 -14.85
N THR B 89 15.23 -13.22 -14.09
CA THR B 89 16.59 -13.34 -14.58
C THR B 89 16.71 -14.48 -15.58
N LYS B 90 17.35 -14.20 -16.72
CA LYS B 90 17.58 -15.22 -17.73
C LYS B 90 18.86 -14.89 -18.47
N ILE B 91 19.45 -15.93 -19.09
CA ILE B 91 20.66 -15.80 -19.88
C ILE B 91 20.39 -16.34 -21.28
N GLN B 92 20.90 -15.63 -22.28
CA GLN B 92 20.71 -15.97 -23.68
C GLN B 92 22.04 -16.07 -24.37
N LEU B 93 22.34 -17.23 -24.93
CA LEU B 93 23.58 -17.49 -25.66
C LEU B 93 23.23 -17.53 -27.15
N LYS B 94 23.43 -16.41 -27.84
CA LYS B 94 23.13 -16.34 -29.26
C LYS B 94 24.42 -16.51 -30.05
N PRO B 95 24.62 -17.66 -30.73
CA PRO B 95 25.86 -17.87 -31.48
C PRO B 95 25.87 -17.16 -32.83
N LYS B 105 32.08 -17.56 -32.38
CA LYS B 105 31.56 -16.35 -31.75
C LYS B 105 30.19 -16.62 -31.14
N VAL B 106 29.91 -15.96 -30.02
CA VAL B 106 28.63 -16.13 -29.32
C VAL B 106 28.35 -14.86 -28.54
N GLN B 107 27.13 -14.35 -28.68
CA GLN B 107 26.69 -13.19 -27.93
C GLN B 107 26.01 -13.65 -26.64
N PHE B 108 26.48 -13.12 -25.52
CA PHE B 108 26.07 -13.53 -24.18
C PHE B 108 25.30 -12.36 -23.57
N ILE B 109 23.99 -12.54 -23.38
CA ILE B 109 23.13 -11.51 -22.82
C ILE B 109 22.66 -11.95 -21.43
N LEU B 110 22.67 -11.01 -20.49
CA LEU B 110 22.10 -11.21 -19.16
C LEU B 110 20.96 -10.22 -18.99
N LYS B 111 19.77 -10.74 -18.67
CA LYS B 111 18.60 -9.90 -18.48
C LYS B 111 17.97 -10.18 -17.13
N TRP B 112 17.33 -9.14 -16.58
CA TRP B 112 16.52 -9.28 -15.38
C TRP B 112 15.49 -8.17 -15.38
N GLY B 113 14.54 -8.27 -14.46
CA GLY B 113 13.45 -7.32 -14.42
C GLY B 113 12.36 -7.68 -15.43
N GLY B 114 11.53 -6.68 -15.72
CA GLY B 114 10.38 -6.92 -16.56
C GLY B 114 9.31 -7.75 -15.90
N GLU B 115 9.33 -7.83 -14.57
CA GLU B 115 8.37 -8.63 -13.81
C GLU B 115 7.14 -7.81 -13.46
N PRO B 116 5.98 -8.44 -13.35
CA PRO B 116 4.78 -7.69 -12.95
C PRO B 116 4.93 -7.13 -11.55
N THR B 117 4.55 -5.86 -11.39
CA THR B 117 4.56 -5.24 -10.08
C THR B 117 3.31 -5.66 -9.31
N HIS B 118 3.31 -5.33 -8.01
CA HIS B 118 2.12 -5.53 -7.19
C HIS B 118 0.94 -4.70 -7.69
N SER B 119 1.21 -3.67 -8.49
CA SER B 119 0.18 -2.78 -9.00
C SER B 119 -0.48 -3.30 -10.28
N ALA B 120 0.10 -4.31 -10.93
CA ALA B 120 -0.46 -4.79 -12.19
C ALA B 120 -1.90 -5.28 -12.01
N LYS B 121 -2.16 -6.00 -10.91
CA LYS B 121 -3.47 -6.61 -10.73
C LYS B 121 -4.57 -5.55 -10.62
N TYR B 122 -4.26 -4.37 -10.07
CA TYR B 122 -5.26 -3.31 -10.02
C TYR B 122 -5.63 -2.84 -11.42
N GLN B 123 -4.64 -2.75 -12.31
CA GLN B 123 -4.91 -2.32 -13.68
C GLN B 123 -5.70 -3.37 -14.44
N ALA B 124 -5.25 -4.63 -14.39
CA ALA B 124 -5.98 -5.69 -15.07
C ALA B 124 -7.39 -5.85 -14.49
N THR B 125 -7.51 -5.81 -13.16
CA THR B 125 -8.83 -5.97 -12.54
C THR B 125 -9.77 -4.85 -12.94
N GLU B 126 -9.27 -3.61 -12.99
CA GLU B 126 -10.11 -2.49 -13.43
C GLU B 126 -10.68 -2.75 -14.81
N LEU B 127 -9.84 -3.19 -15.74
CA LEU B 127 -10.30 -3.44 -17.11
C LEU B 127 -11.30 -4.59 -17.15
N GLY B 128 -11.04 -5.65 -16.38
CA GLY B 128 -11.97 -6.77 -16.36
C GLY B 128 -13.33 -6.39 -15.82
N GLU B 129 -13.37 -5.58 -14.77
CA GLU B 129 -14.65 -5.17 -14.20
C GLU B 129 -15.40 -4.24 -15.13
N GLN B 130 -14.70 -3.30 -15.77
CA GLN B 130 -15.34 -2.38 -16.70
C GLN B 130 -15.95 -3.14 -17.87
N MET B 131 -15.22 -4.13 -18.40
CA MET B 131 -15.72 -4.90 -19.53
C MET B 131 -16.84 -5.85 -19.11
N ARG B 132 -16.75 -6.41 -17.90
CA ARG B 132 -17.86 -7.24 -17.41
C ARG B 132 -19.14 -6.44 -17.33
N GLN B 133 -19.06 -5.23 -16.78
CA GLN B 133 -20.23 -4.35 -16.73
C GLN B 133 -20.74 -4.05 -18.13
N ASP B 134 -19.82 -3.66 -19.03
CA ASP B 134 -20.23 -3.32 -20.39
C ASP B 134 -20.90 -4.49 -21.08
N PHE B 135 -20.32 -5.69 -20.95
CA PHE B 135 -20.91 -6.87 -21.59
C PHE B 135 -22.28 -7.19 -21.02
N ASP B 136 -22.44 -7.08 -19.70
CA ASP B 136 -23.73 -7.38 -19.09
C ASP B 136 -24.81 -6.43 -19.59
N LEU B 137 -24.46 -5.17 -19.87
CA LEU B 137 -25.44 -4.24 -20.41
C LEU B 137 -25.76 -4.53 -21.87
N LEU B 138 -24.78 -5.01 -22.64
CA LEU B 138 -25.00 -5.30 -24.04
C LEU B 138 -25.70 -6.64 -24.23
N ASN B 139 -25.08 -7.72 -23.74
CA ASN B 139 -25.66 -9.04 -23.85
C ASN B 139 -24.94 -9.96 -22.87
N LYS B 140 -25.72 -10.63 -22.03
CA LYS B 140 -25.19 -11.44 -20.95
C LYS B 140 -24.64 -12.75 -21.48
N SER B 141 -24.93 -13.06 -22.74
CA SER B 141 -24.40 -14.22 -23.44
C SER B 141 -22.94 -14.05 -23.84
N ILE B 142 -22.44 -12.81 -23.86
CA ILE B 142 -21.04 -12.59 -24.24
C ILE B 142 -20.11 -13.32 -23.27
N LEU B 143 -20.43 -13.29 -21.98
CA LEU B 143 -19.58 -13.92 -20.98
C LEU B 143 -19.55 -15.44 -21.14
N GLN B 144 -20.52 -16.03 -21.84
CA GLN B 144 -20.45 -17.44 -22.20
C GLN B 144 -19.74 -17.67 -23.53
N ASN B 145 -19.26 -16.61 -24.17
CA ASN B 145 -18.59 -16.68 -25.47
C ASN B 145 -17.29 -15.88 -25.44
N ILE B 146 -16.49 -16.09 -24.40
CA ILE B 146 -15.21 -15.41 -24.25
C ILE B 146 -14.10 -16.39 -24.62
N LYS B 147 -13.15 -15.93 -25.42
CA LYS B 147 -12.01 -16.71 -25.85
C LYS B 147 -10.75 -15.91 -25.52
N ILE B 148 -9.86 -16.48 -24.71
CA ILE B 148 -8.75 -15.74 -24.13
C ILE B 148 -7.44 -16.39 -24.57
N PHE B 149 -6.56 -15.58 -25.16
CA PHE B 149 -5.23 -16.00 -25.55
C PHE B 149 -4.19 -15.12 -24.86
N SER B 150 -3.01 -15.68 -24.61
CA SER B 150 -1.99 -14.96 -23.87
C SER B 150 -0.61 -15.42 -24.30
N SER B 151 0.35 -14.51 -24.18
CA SER B 151 1.75 -14.83 -24.39
C SER B 151 2.28 -15.65 -23.21
N SER B 152 3.42 -16.30 -23.43
CA SER B 152 4.08 -17.03 -22.36
C SER B 152 4.86 -16.12 -21.43
N GLU B 153 5.11 -14.87 -21.84
CA GLU B 153 5.82 -13.93 -20.96
C GLU B 153 5.07 -13.80 -19.65
N ARG B 154 5.85 -13.75 -18.55
CA ARG B 154 5.23 -13.80 -17.23
C ARG B 154 4.27 -12.63 -17.01
N ARG B 155 4.75 -11.41 -17.25
CA ARG B 155 3.91 -10.24 -16.97
C ARG B 155 2.67 -10.23 -17.84
N VAL B 156 2.75 -10.78 -19.05
CA VAL B 156 1.58 -10.81 -19.92
C VAL B 156 0.54 -11.79 -19.38
N LEU B 157 0.97 -13.01 -19.04
CA LEU B 157 0.04 -13.99 -18.48
C LEU B 157 -0.52 -13.51 -17.14
N HIS B 158 0.32 -12.88 -16.33
CA HIS B 158 -0.14 -12.29 -15.08
C HIS B 158 -1.28 -11.32 -15.33
N THR B 159 -1.14 -10.47 -16.35
CA THR B 159 -2.22 -9.55 -16.70
C THR B 159 -3.47 -10.30 -17.15
N ALA B 160 -3.30 -11.34 -17.96
CA ALA B 160 -4.45 -12.08 -18.46
C ALA B 160 -5.22 -12.75 -17.32
N GLN B 161 -4.50 -13.32 -16.36
CA GLN B 161 -5.17 -14.05 -15.28
C GLN B 161 -6.02 -13.13 -14.42
N TYR B 162 -5.51 -11.94 -14.11
CA TYR B 162 -6.28 -11.01 -13.27
C TYR B 162 -7.42 -10.36 -14.04
N TRP B 163 -7.23 -10.11 -15.34
CA TRP B 163 -8.35 -9.66 -16.16
C TRP B 163 -9.42 -10.73 -16.24
N THR B 164 -9.02 -11.99 -16.40
CA THR B 164 -9.98 -13.09 -16.50
C THR B 164 -10.73 -13.28 -15.18
N ARG B 165 -10.01 -13.31 -14.07
CA ARG B 165 -10.66 -13.49 -12.77
CA ARG B 165 -10.66 -13.49 -12.77
C ARG B 165 -11.61 -12.33 -12.47
N ALA B 166 -11.32 -11.14 -12.98
CA ALA B 166 -12.22 -10.00 -12.76
C ALA B 166 -13.37 -9.99 -13.75
N LEU B 167 -13.18 -10.55 -14.95
CA LEU B 167 -14.26 -10.57 -15.93
C LEU B 167 -15.37 -11.52 -15.50
N PHE B 168 -15.03 -12.67 -14.92
CA PHE B 168 -16.00 -13.68 -14.55
C PHE B 168 -16.41 -13.62 -13.08
N GLY B 169 -15.88 -12.67 -12.32
CA GLY B 169 -16.15 -12.64 -10.90
C GLY B 169 -15.76 -13.94 -10.21
N ALA B 170 -14.61 -14.48 -10.58
CA ALA B 170 -14.17 -15.80 -10.12
C ALA B 170 -12.94 -15.66 -9.24
N ASP B 171 -12.85 -16.53 -8.23
CA ASP B 171 -11.67 -16.62 -7.39
C ASP B 171 -10.71 -17.69 -7.87
N GLU B 172 -11.22 -18.73 -8.53
CA GLU B 172 -10.40 -19.80 -9.08
C GLU B 172 -10.00 -19.43 -10.50
N LEU B 173 -9.37 -20.37 -11.21
CA LEU B 173 -8.95 -20.14 -12.59
C LEU B 173 -8.65 -21.47 -13.25
N GLY B 174 -9.34 -21.76 -14.34
CA GLY B 174 -9.06 -22.97 -15.10
C GLY B 174 -7.88 -22.76 -16.02
N SER B 175 -6.94 -23.71 -15.99
CA SER B 175 -5.74 -23.59 -16.81
C SER B 175 -6.08 -23.56 -18.29
N ASP B 176 -7.10 -24.31 -18.69
CA ASP B 176 -7.52 -24.32 -20.09
C ASP B 176 -8.32 -23.09 -20.47
N GLU B 177 -8.73 -22.26 -19.52
CA GLU B 177 -9.51 -21.07 -19.82
C GLU B 177 -8.68 -19.96 -20.45
N ILE B 178 -7.36 -20.01 -20.30
CA ILE B 178 -6.44 -19.10 -20.98
C ILE B 178 -5.50 -19.97 -21.81
N SER B 179 -5.52 -19.76 -23.13
CA SER B 179 -4.73 -20.55 -24.06
C SER B 179 -3.45 -19.81 -24.40
N ILE B 180 -2.31 -20.47 -24.20
CA ILE B 180 -1.02 -19.89 -24.56
C ILE B 180 -0.77 -20.11 -26.04
N ARG B 181 -0.42 -19.04 -26.75
CA ARG B 181 -0.15 -19.10 -28.19
C ARG B 181 1.20 -18.44 -28.46
N LYS B 182 2.27 -19.23 -28.36
CA LYS B 182 3.58 -18.72 -28.71
C LYS B 182 3.62 -18.27 -30.16
N ASP B 183 2.92 -18.99 -31.04
CA ASP B 183 2.96 -18.71 -32.46
C ASP B 183 2.33 -17.37 -32.82
N LEU B 184 1.60 -16.74 -31.91
CA LEU B 184 0.92 -15.49 -32.20
C LEU B 184 1.44 -14.31 -31.39
N LEU B 185 1.76 -14.53 -30.11
CA LEU B 185 1.90 -13.42 -29.18
C LEU B 185 3.30 -13.28 -28.57
N ASP B 186 4.26 -14.12 -28.96
CA ASP B 186 5.63 -13.99 -28.51
C ASP B 186 6.46 -13.28 -29.57
N ASP B 187 7.30 -12.34 -29.14
CA ASP B 187 8.19 -11.66 -30.07
C ASP B 187 9.06 -12.67 -30.79
N SER B 188 9.14 -12.53 -32.11
CA SER B 188 10.00 -13.37 -32.93
C SER B 188 11.13 -12.53 -33.49
N ASN B 189 12.34 -13.07 -33.46
CA ASN B 189 13.49 -12.38 -34.05
C ASN B 189 13.38 -12.24 -35.56
N ALA B 190 12.31 -12.75 -36.17
CA ALA B 190 12.10 -12.53 -37.60
C ALA B 190 12.13 -11.06 -37.95
N ALA B 191 11.54 -10.21 -37.09
CA ALA B 191 11.53 -8.78 -37.32
C ALA B 191 12.76 -8.07 -36.75
N LYS B 192 13.50 -8.72 -35.84
CA LYS B 192 14.64 -8.05 -35.23
C LYS B 192 15.70 -7.72 -36.27
N ASP B 193 15.95 -8.63 -37.21
CA ASP B 193 16.96 -8.37 -38.24
C ASP B 193 16.74 -7.01 -38.89
N LEU B 194 15.48 -6.65 -39.15
CA LEU B 194 15.19 -5.36 -39.76
C LEU B 194 15.13 -4.25 -38.72
N MET B 195 14.73 -4.56 -37.48
CA MET B 195 14.71 -3.54 -36.44
C MET B 195 16.13 -3.11 -36.07
N ASP B 196 17.08 -4.05 -36.07
CA ASP B 196 18.47 -3.68 -35.84
C ASP B 196 18.95 -2.72 -36.92
N LYS B 197 18.56 -2.96 -38.17
CA LYS B 197 18.94 -2.05 -39.26
C LYS B 197 18.33 -0.68 -39.04
N VAL B 198 17.11 -0.62 -38.53
CA VAL B 198 16.46 0.66 -38.30
C VAL B 198 17.13 1.42 -37.16
N LYS B 199 17.50 0.72 -36.10
CA LYS B 199 18.10 1.36 -34.94
C LYS B 199 19.45 1.98 -35.27
N LYS B 200 20.17 1.45 -36.25
CA LYS B 200 21.40 2.10 -36.69
C LYS B 200 21.09 3.46 -37.30
N LYS B 201 19.97 3.58 -38.01
CA LYS B 201 19.55 4.86 -38.57
C LYS B 201 19.17 5.87 -37.51
N LEU B 202 18.93 5.45 -36.26
CA LEU B 202 18.48 6.36 -35.22
C LEU B 202 19.63 6.96 -34.42
N LYS B 203 20.73 6.23 -34.27
CA LYS B 203 21.83 6.72 -33.44
C LYS B 203 22.40 8.03 -33.97
N PRO B 204 22.63 8.21 -35.27
CA PRO B 204 23.23 9.47 -35.75
C PRO B 204 22.35 10.68 -35.52
N LEU B 205 21.06 10.51 -35.27
CA LEU B 205 20.17 11.66 -35.11
C LEU B 205 20.43 12.43 -33.82
N LEU B 206 21.32 11.94 -32.96
CA LEU B 206 21.67 12.62 -31.72
C LEU B 206 23.00 13.36 -31.82
N ARG B 207 23.66 13.36 -32.98
CA ARG B 207 24.88 14.12 -33.15
C ARG B 207 24.58 15.61 -33.27
N GLU B 208 25.64 16.42 -33.19
CA GLU B 208 25.48 17.86 -33.08
C GLU B 208 24.90 18.47 -34.35
N GLY B 209 25.39 18.06 -35.52
CA GLY B 209 24.98 18.69 -36.76
C GLY B 209 23.52 18.45 -37.09
N LYS B 210 23.06 17.21 -36.91
CA LYS B 210 21.75 16.83 -37.44
C LYS B 210 20.63 17.53 -36.69
N GLU B 211 19.54 17.79 -37.42
CA GLU B 211 18.37 18.50 -36.92
C GLU B 211 17.15 17.60 -36.99
N ALA B 212 16.20 17.84 -36.06
CA ALA B 212 15.00 17.04 -35.95
C ALA B 212 14.33 16.84 -37.31
N PRO B 213 14.35 15.64 -37.87
CA PRO B 213 13.71 15.42 -39.18
C PRO B 213 12.20 15.51 -39.08
N PRO B 214 11.52 15.69 -40.21
CA PRO B 214 10.04 15.67 -40.19
C PRO B 214 9.51 14.26 -39.94
N GLN B 215 8.25 14.22 -39.49
CA GLN B 215 7.56 13.00 -39.09
C GLN B 215 8.05 12.47 -37.76
N PHE B 216 9.13 13.04 -37.23
CA PHE B 216 9.65 12.64 -35.93
C PHE B 216 9.10 13.59 -34.88
N ALA B 217 8.55 13.04 -33.80
CA ALA B 217 7.92 13.86 -32.77
C ALA B 217 9.01 14.66 -32.06
N TRP B 218 9.17 15.90 -32.46
CA TRP B 218 10.11 16.82 -31.81
C TRP B 218 9.37 18.13 -31.54
N PRO B 219 9.13 18.48 -30.28
CA PRO B 219 8.29 19.66 -30.00
C PRO B 219 8.96 20.94 -30.47
N SER B 220 8.14 21.86 -30.97
CA SER B 220 8.63 23.18 -31.32
C SER B 220 9.10 23.90 -30.06
N LYS B 221 9.88 24.96 -30.26
CA LYS B 221 10.49 25.77 -29.21
C LYS B 221 11.67 25.04 -28.57
N MET B 222 11.95 23.80 -28.97
CA MET B 222 12.99 22.97 -28.37
C MET B 222 14.25 22.99 -29.24
N PRO B 223 15.45 23.04 -28.65
CA PRO B 223 16.66 23.01 -29.48
C PRO B 223 16.85 21.67 -30.16
N GLU B 224 17.93 21.52 -30.93
CA GLU B 224 18.17 20.27 -31.64
C GLU B 224 18.43 19.15 -30.64
N PRO B 225 18.27 17.90 -31.08
CA PRO B 225 18.42 16.78 -30.13
C PRO B 225 19.76 16.79 -29.39
N TYR B 226 20.85 17.18 -30.05
CA TYR B 226 22.16 17.11 -29.42
C TYR B 226 22.24 17.97 -28.17
N LEU B 227 21.76 19.22 -28.25
CA LEU B 227 21.77 20.08 -27.08
C LEU B 227 20.93 19.48 -25.96
N VAL B 228 19.80 18.86 -26.31
CA VAL B 228 18.97 18.21 -25.29
C VAL B 228 19.74 17.08 -24.63
N ILE B 229 20.52 16.32 -25.41
CA ILE B 229 21.35 15.27 -24.84
C ILE B 229 22.37 15.88 -23.87
N LYS B 230 23.01 16.97 -24.29
CA LYS B 230 24.02 17.60 -23.43
C LYS B 230 23.41 18.02 -22.10
N ARG B 231 22.23 18.63 -22.13
CA ARG B 231 21.58 19.05 -20.89
C ARG B 231 21.22 17.84 -20.03
N VAL B 232 20.73 16.77 -20.64
CA VAL B 232 20.40 15.57 -19.88
C VAL B 232 21.64 15.01 -19.20
N VAL B 233 22.75 14.92 -19.95
CA VAL B 233 23.99 14.42 -19.37
C VAL B 233 24.43 15.34 -18.23
N GLU B 234 24.24 16.65 -18.38
CA GLU B 234 24.48 17.56 -17.27
C GLU B 234 23.58 17.24 -16.08
N LEU B 235 22.29 17.01 -16.35
CA LEU B 235 21.36 16.70 -15.27
C LEU B 235 21.65 15.36 -14.63
N MET B 236 22.16 14.39 -15.40
CA MET B 236 22.47 13.08 -14.84
C MET B 236 23.72 13.13 -13.97
N ASN B 237 24.75 13.83 -14.42
CA ASN B 237 25.94 13.99 -13.58
C ASN B 237 25.63 14.79 -12.33
N TYR B 238 24.76 15.81 -12.47
CA TYR B 238 24.34 16.59 -11.31
C TYR B 238 23.61 15.72 -10.28
N HIS B 239 22.74 14.84 -10.75
CA HIS B 239 21.97 13.99 -9.82
C HIS B 239 22.80 12.85 -9.25
N LYS B 240 23.81 12.37 -9.99
CA LYS B 240 24.70 11.35 -9.42
C LYS B 240 25.38 11.87 -8.16
N LYS B 241 25.79 13.14 -8.17
CA LYS B 241 26.45 13.70 -6.99
C LYS B 241 25.47 13.99 -5.88
N ILE B 242 24.22 14.33 -6.20
CA ILE B 242 23.20 14.50 -5.17
C ILE B 242 22.90 13.16 -4.50
N MET B 243 22.76 12.10 -5.29
CA MET B 243 22.44 10.80 -4.73
C MET B 243 23.55 10.32 -3.80
N ASP B 244 24.80 10.34 -4.28
CA ASP B 244 25.92 9.93 -3.44
C ASP B 244 26.00 10.78 -2.18
N ASN B 245 25.77 12.08 -2.33
CA ASN B 245 25.79 12.97 -1.17
C ASN B 245 24.75 12.52 -0.14
N ASN B 246 23.49 12.41 -0.55
CA ASN B 246 22.42 12.10 0.39
C ASN B 246 22.57 10.71 0.99
N PHE B 247 23.10 9.75 0.22
CA PHE B 247 23.31 8.42 0.78
C PHE B 247 24.32 8.44 1.91
N ALA B 248 25.31 9.34 1.84
CA ALA B 248 26.30 9.42 2.90
C ALA B 248 25.80 10.15 4.13
N LYS B 249 24.76 10.99 4.00
CA LYS B 249 24.36 11.83 5.13
C LYS B 249 23.17 11.28 5.93
N LYS B 250 22.00 11.20 5.32
CA LYS B 250 20.77 10.96 6.06
C LYS B 250 20.47 9.47 6.11
N ASP B 251 20.09 9.01 7.31
CA ASP B 251 19.82 7.59 7.50
C ASP B 251 18.86 7.09 6.43
N VAL B 252 19.12 5.87 5.94
CA VAL B 252 18.35 5.33 4.85
C VAL B 252 16.89 5.16 5.23
N ASN B 253 16.60 5.01 6.53
CA ASN B 253 15.22 4.88 6.98
C ASN B 253 14.48 6.21 6.95
N SER B 254 15.20 7.32 7.19
CA SER B 254 14.59 8.64 7.12
C SER B 254 14.23 9.03 5.70
N MET B 255 14.66 8.26 4.70
CA MET B 255 14.36 8.59 3.32
C MET B 255 12.88 8.43 3.03
N GLN B 256 12.33 7.23 3.26
CA GLN B 256 10.93 6.93 3.06
C GLN B 256 10.36 6.27 4.31
N THR B 257 9.12 6.63 4.65
CA THR B 257 8.49 6.11 5.85
C THR B 257 8.36 4.59 5.79
N ARG B 258 8.35 4.01 4.60
CA ARG B 258 8.25 2.57 4.43
C ARG B 258 8.83 2.18 3.08
N TRP B 259 9.20 0.91 2.95
CA TRP B 259 9.54 0.35 1.66
C TRP B 259 9.22 -1.14 1.68
N CYS B 260 8.97 -1.70 0.51
CA CYS B 260 8.43 -3.04 0.37
C CYS B 260 9.32 -3.86 -0.54
N THR B 261 8.90 -5.11 -0.78
CA THR B 261 9.61 -5.99 -1.70
C THR B 261 9.75 -5.33 -3.06
N SER B 262 10.94 -5.43 -3.64
CA SER B 262 11.28 -4.90 -4.96
C SER B 262 11.33 -3.39 -5.00
N GLU B 263 11.15 -2.71 -3.87
CA GLU B 263 11.11 -1.25 -3.82
C GLU B 263 11.94 -0.72 -2.66
N ASP B 264 13.13 -1.30 -2.46
CA ASP B 264 14.04 -0.89 -1.41
C ASP B 264 15.11 0.04 -1.95
N PRO B 265 15.78 0.81 -1.09
CA PRO B 265 16.79 1.76 -1.60
C PRO B 265 17.90 1.10 -2.40
N SER B 266 18.26 -0.15 -2.08
CA SER B 266 19.37 -0.78 -2.79
C SER B 266 19.08 -0.93 -4.27
N LEU B 267 17.87 -1.35 -4.63
CA LEU B 267 17.54 -1.52 -6.05
C LEU B 267 17.49 -0.18 -6.76
N PHE B 268 16.99 0.86 -6.09
CA PHE B 268 17.01 2.19 -6.68
C PHE B 268 18.43 2.60 -7.07
N LYS B 269 19.37 2.48 -6.12
CA LYS B 269 20.75 2.85 -6.38
C LYS B 269 21.33 2.03 -7.53
N GLU B 270 21.06 0.72 -7.53
CA GLU B 270 21.61 -0.15 -8.56
C GLU B 270 21.17 0.29 -9.95
N ARG B 271 19.88 0.58 -10.12
CA ARG B 271 19.38 1.01 -11.43
C ARG B 271 19.98 2.34 -11.86
N TRP B 272 20.03 3.31 -10.94
CA TRP B 272 20.48 4.65 -11.31
C TRP B 272 21.99 4.71 -11.50
N ASP B 273 22.76 3.97 -10.67
CA ASP B 273 24.20 3.88 -10.89
C ASP B 273 24.50 3.37 -12.29
N LYS B 274 23.78 2.33 -12.71
CA LYS B 274 23.92 1.83 -14.07
C LYS B 274 23.61 2.92 -15.09
N LEU B 275 22.52 3.67 -14.87
CA LEU B 275 22.12 4.70 -15.81
C LEU B 275 23.08 5.88 -15.79
N PHE B 276 23.56 6.26 -14.60
CA PHE B 276 24.48 7.40 -14.52
C PHE B 276 25.77 7.12 -15.29
N LYS B 277 26.33 5.92 -15.13
CA LYS B 277 27.56 5.59 -15.85
C LYS B 277 27.32 5.54 -17.36
N GLU B 278 26.09 5.25 -17.78
CA GLU B 278 25.73 5.24 -19.19
C GLU B 278 25.36 6.62 -19.73
N PHE B 279 25.17 7.61 -18.85
CA PHE B 279 24.88 8.98 -19.25
C PHE B 279 25.94 9.94 -18.72
N ASN B 280 27.15 9.45 -18.50
CA ASN B 280 28.25 10.31 -18.06
C ASN B 280 28.89 11.06 -19.23
N ASN B 281 28.63 10.64 -20.46
CA ASN B 281 29.23 11.25 -21.64
C ASN B 281 28.17 11.38 -22.72
N ALA B 282 28.11 12.55 -23.36
CA ALA B 282 27.08 12.80 -24.37
C ALA B 282 27.26 11.90 -25.60
N GLU B 283 28.45 11.34 -25.81
CA GLU B 283 28.69 10.46 -26.94
C GLU B 283 28.47 8.99 -26.61
N LYS B 284 28.25 8.66 -25.33
CA LYS B 284 27.83 7.31 -24.96
C LYS B 284 26.36 7.06 -25.23
N VAL B 285 25.56 8.12 -25.38
CA VAL B 285 24.12 7.97 -25.42
C VAL B 285 23.71 7.29 -26.73
N ASP B 286 22.65 6.49 -26.66
CA ASP B 286 22.10 5.84 -27.83
C ASP B 286 20.66 5.43 -27.52
N PRO B 287 19.88 5.04 -28.53
CA PRO B 287 18.45 4.77 -28.29
C PRO B 287 18.19 3.76 -27.18
N SER B 288 19.00 2.72 -27.07
CA SER B 288 18.75 1.70 -26.04
C SER B 288 18.83 2.30 -24.64
N LYS B 289 19.78 3.19 -24.41
CA LYS B 289 19.92 3.81 -23.09
C LYS B 289 18.72 4.70 -22.78
N ILE B 290 18.21 5.41 -23.79
CA ILE B 290 17.11 6.36 -23.54
C ILE B 290 15.88 5.63 -23.02
N SER B 291 15.57 4.47 -23.60
CA SER B 291 14.39 3.73 -23.15
C SER B 291 14.57 3.21 -21.73
N GLU B 292 15.77 2.72 -21.39
CA GLU B 292 16.02 2.26 -20.04
C GLU B 292 15.86 3.40 -19.03
N LEU B 293 16.39 4.58 -19.36
CA LEU B 293 16.29 5.71 -18.45
C LEU B 293 14.84 6.12 -18.23
N TYR B 294 14.06 6.20 -19.31
CA TYR B 294 12.67 6.63 -19.19
C TYR B 294 11.84 5.61 -18.41
N ASP B 295 12.11 4.32 -18.61
CA ASP B 295 11.41 3.30 -17.84
C ASP B 295 11.70 3.43 -16.35
N THR B 296 12.96 3.65 -15.99
CA THR B 296 13.31 3.78 -14.58
C THR B 296 12.65 5.00 -13.96
N MET B 297 12.57 6.10 -14.71
CA MET B 297 11.99 7.32 -14.15
C MET B 297 10.49 7.19 -13.96
N LYS B 298 9.78 6.62 -14.93
CA LYS B 298 8.36 6.35 -14.74
C LYS B 298 8.16 5.41 -13.55
N TYR B 299 8.93 4.33 -13.50
CA TYR B 299 8.76 3.34 -12.45
C TYR B 299 8.97 3.96 -11.07
N ASP B 300 9.99 4.81 -10.94
CA ASP B 300 10.28 5.42 -9.65
C ASP B 300 9.29 6.52 -9.29
N ALA B 301 8.70 7.19 -10.30
CA ALA B 301 7.64 8.14 -10.01
C ALA B 301 6.37 7.44 -9.51
N LEU B 302 6.23 6.15 -9.79
CA LEU B 302 5.12 5.36 -9.29
C LEU B 302 5.44 4.73 -7.93
N HIS B 303 6.51 3.94 -7.90
CA HIS B 303 6.77 3.01 -6.80
C HIS B 303 7.86 3.50 -5.85
N ASN B 304 8.55 4.60 -6.17
CA ASN B 304 9.62 5.11 -5.30
C ASN B 304 9.63 6.63 -5.24
N ARG B 305 8.48 7.28 -5.35
CA ARG B 305 8.47 8.74 -5.44
C ARG B 305 9.00 9.39 -4.16
N GLN B 306 8.57 8.91 -2.99
CA GLN B 306 9.02 9.54 -1.75
C GLN B 306 10.51 9.34 -1.53
N PHE B 307 11.07 8.26 -2.07
CA PHE B 307 12.52 8.09 -2.05
C PHE B 307 13.17 8.93 -3.13
N LEU B 308 12.56 8.96 -4.32
CA LEU B 308 13.07 9.78 -5.42
C LEU B 308 13.23 11.23 -4.99
N GLU B 309 12.29 11.74 -4.19
CA GLU B 309 12.32 13.15 -3.81
C GLU B 309 13.33 13.43 -2.71
N ASN B 310 13.55 12.47 -1.80
CA ASN B 310 14.51 12.69 -0.71
C ASN B 310 15.92 12.31 -1.09
N ILE B 311 16.11 11.39 -2.04
CA ILE B 311 17.47 11.02 -2.45
C ILE B 311 18.02 12.01 -3.47
N PHE B 312 17.15 12.61 -4.28
CA PHE B 312 17.54 13.61 -5.26
C PHE B 312 17.28 15.04 -4.76
N ASP B 313 17.07 15.22 -3.46
CA ASP B 313 16.86 16.55 -2.91
C ASP B 313 18.17 17.32 -2.89
N PRO B 314 18.29 18.45 -3.61
CA PRO B 314 19.51 19.25 -3.51
C PRO B 314 19.67 19.91 -2.14
N GLY B 315 18.61 20.57 -1.67
CA GLY B 315 18.65 21.26 -0.40
C GLY B 315 18.53 22.76 -0.54
N ARG B 324 13.75 22.63 -3.83
CA ARG B 324 13.15 22.85 -5.16
C ARG B 324 13.66 21.80 -6.14
N PHE B 325 12.73 21.14 -6.82
CA PHE B 325 13.03 20.03 -7.73
C PHE B 325 12.94 20.43 -9.19
N MET B 326 13.29 21.67 -9.54
CA MET B 326 13.22 22.08 -10.94
C MET B 326 14.22 21.31 -11.79
N GLN B 327 15.31 20.83 -11.20
CA GLN B 327 16.28 20.05 -11.96
C GLN B 327 15.77 18.63 -12.21
N LEU B 328 15.11 18.03 -11.22
CA LEU B 328 14.52 16.71 -11.43
C LEU B 328 13.39 16.76 -12.44
N ARG B 329 12.55 17.79 -12.36
CA ARG B 329 11.44 17.92 -13.31
C ARG B 329 11.97 18.16 -14.73
N GLU B 330 13.00 18.98 -14.87
CA GLU B 330 13.58 19.21 -16.19
C GLU B 330 14.10 17.90 -16.78
N LEU B 331 14.76 17.08 -15.96
CA LEU B 331 15.26 15.80 -16.44
C LEU B 331 14.14 14.94 -17.00
N TYR B 332 13.02 14.84 -16.27
CA TYR B 332 11.88 14.07 -16.74
C TYR B 332 11.33 14.63 -18.05
N LYS B 333 11.16 15.94 -18.11
CA LYS B 333 10.65 16.55 -19.34
C LYS B 333 11.52 16.20 -20.54
N LEU B 334 12.83 16.40 -20.41
CA LEU B 334 13.72 16.17 -21.55
C LEU B 334 13.75 14.70 -21.95
N ALA B 335 13.80 13.79 -20.96
CA ALA B 335 13.79 12.38 -21.29
C ALA B 335 12.49 11.97 -21.98
N LYS B 336 11.36 12.50 -21.52
CA LYS B 336 10.10 12.28 -22.22
C LYS B 336 10.22 12.74 -23.68
N VAL B 337 10.85 13.89 -23.90
CA VAL B 337 11.02 14.39 -25.26
C VAL B 337 11.90 13.45 -26.07
N LEU B 338 13.01 12.99 -25.49
CA LEU B 338 13.89 12.09 -26.21
C LEU B 338 13.22 10.76 -26.52
N PHE B 339 12.46 10.23 -25.56
CA PHE B 339 11.78 8.95 -25.77
C PHE B 339 10.82 9.02 -26.94
N ASP B 340 9.95 10.04 -26.94
CA ASP B 340 8.99 10.18 -28.03
C ASP B 340 9.68 10.38 -29.37
N PHE B 341 10.83 11.05 -29.36
CA PHE B 341 11.53 11.36 -30.61
C PHE B 341 12.14 10.11 -31.23
N ILE B 342 12.63 9.20 -30.40
CA ILE B 342 13.47 8.09 -30.86
C ILE B 342 12.71 6.76 -30.86
N CYS B 343 12.19 6.37 -29.70
CA CYS B 343 11.83 4.98 -29.45
C CYS B 343 10.69 4.46 -30.30
N PRO B 344 9.65 5.26 -30.59
CA PRO B 344 8.61 4.75 -31.50
C PRO B 344 9.16 4.40 -32.87
N LYS B 345 10.21 5.07 -33.33
CA LYS B 345 10.77 4.81 -34.64
C LYS B 345 11.56 3.51 -34.70
N GLU B 346 11.78 2.84 -33.56
CA GLU B 346 12.43 1.55 -33.58
C GLU B 346 11.63 0.51 -34.35
N TYR B 347 10.33 0.73 -34.51
CA TYR B 347 9.48 -0.17 -35.28
C TYR B 347 9.40 0.23 -36.75
N GLY B 348 10.19 1.22 -37.18
CA GLY B 348 10.21 1.63 -38.56
C GLY B 348 10.14 3.13 -38.74
N ILE B 349 11.00 3.66 -39.60
CA ILE B 349 11.00 5.08 -39.94
C ILE B 349 10.20 5.32 -41.22
N SER B 350 10.53 4.61 -42.29
CA SER B 350 9.78 4.72 -43.53
C SER B 350 8.50 3.90 -43.44
N ASP B 351 7.55 4.23 -44.31
CA ASP B 351 6.30 3.46 -44.36
C ASP B 351 6.57 2.00 -44.66
N ALA B 352 7.52 1.72 -45.57
CA ALA B 352 7.89 0.34 -45.84
C ALA B 352 8.46 -0.33 -44.59
N GLU B 353 9.34 0.37 -43.86
CA GLU B 353 9.89 -0.19 -42.64
C GLU B 353 8.81 -0.47 -41.61
N LYS B 354 7.91 0.50 -41.39
CA LYS B 354 6.82 0.29 -40.45
C LYS B 354 6.01 -0.93 -40.82
N LEU B 355 5.58 -1.01 -42.09
CA LEU B 355 4.75 -2.13 -42.53
C LEU B 355 5.50 -3.46 -42.42
N ASP B 356 6.73 -3.51 -42.95
CA ASP B 356 7.45 -4.77 -42.98
C ASP B 356 7.77 -5.27 -41.56
N ILE B 357 8.25 -4.38 -40.70
CA ILE B 357 8.45 -4.75 -39.30
C ILE B 357 7.11 -5.14 -38.68
N GLY B 358 6.04 -4.42 -39.04
CA GLY B 358 4.75 -4.75 -38.49
C GLY B 358 4.27 -6.13 -38.88
N LEU B 359 4.43 -6.49 -40.16
CA LEU B 359 3.97 -7.80 -40.62
C LEU B 359 4.85 -8.92 -40.08
N LEU B 360 6.17 -8.73 -40.09
CA LEU B 360 7.06 -9.74 -39.55
C LEU B 360 6.81 -9.99 -38.06
N THR B 361 6.24 -9.01 -37.36
CA THR B 361 5.99 -9.13 -35.93
C THR B 361 4.59 -9.66 -35.63
N SER B 362 3.57 -9.08 -36.27
CA SER B 362 2.19 -9.30 -35.86
C SER B 362 1.30 -9.87 -36.96
N LEU B 363 1.86 -10.25 -38.11
CA LEU B 363 1.01 -10.77 -39.18
C LEU B 363 0.23 -12.00 -38.76
N PRO B 364 0.82 -13.00 -38.11
CA PRO B 364 0.00 -14.15 -37.67
C PRO B 364 -1.13 -13.74 -36.73
N LEU B 365 -0.87 -12.81 -35.81
CA LEU B 365 -1.94 -12.32 -34.95
C LEU B 365 -3.00 -11.59 -35.77
N ALA B 366 -2.58 -10.86 -36.80
CA ALA B 366 -3.53 -10.13 -37.62
C ALA B 366 -4.45 -11.07 -38.38
N LYS B 367 -3.91 -12.15 -38.95
CA LYS B 367 -4.76 -13.12 -39.63
C LYS B 367 -5.75 -13.77 -38.65
N GLN B 368 -5.28 -14.05 -37.43
CA GLN B 368 -6.16 -14.65 -36.44
C GLN B 368 -7.31 -13.70 -36.08
N ILE B 369 -7.00 -12.42 -35.87
CA ILE B 369 -8.04 -11.46 -35.52
C ILE B 369 -9.08 -11.36 -36.63
N LEU B 370 -8.62 -11.28 -37.88
CA LEU B 370 -9.56 -11.18 -39.00
C LEU B 370 -10.41 -12.44 -39.10
N ASN B 371 -9.82 -13.61 -38.87
CA ASN B 371 -10.60 -14.85 -38.90
C ASN B 371 -11.59 -14.91 -37.75
N ASP B 372 -11.19 -14.45 -36.56
CA ASP B 372 -12.10 -14.44 -35.42
C ASP B 372 -13.28 -13.51 -35.68
N ILE B 373 -13.01 -12.35 -36.28
CA ILE B 373 -14.09 -11.44 -36.64
C ILE B 373 -15.01 -12.08 -37.67
N GLY B 374 -14.45 -12.88 -38.58
CA GLY B 374 -15.28 -13.60 -39.53
C GLY B 374 -16.21 -14.59 -38.86
N ASP B 375 -15.73 -15.26 -37.81
CA ASP B 375 -16.58 -16.17 -37.06
C ASP B 375 -17.72 -15.42 -36.36
N MET B 376 -17.38 -14.29 -35.72
CA MET B 376 -18.39 -13.51 -35.02
C MET B 376 -19.48 -13.02 -35.96
N LYS B 377 -19.15 -12.83 -37.24
CA LYS B 377 -20.16 -12.41 -38.20
C LYS B 377 -21.26 -13.45 -38.34
N ASN B 378 -20.95 -14.72 -38.11
CA ASN B 378 -21.90 -15.81 -38.31
C ASN B 378 -22.51 -16.32 -37.01
N ARG B 379 -21.95 -15.95 -35.86
CA ARG B 379 -22.52 -16.41 -34.59
C ARG B 379 -23.88 -15.78 -34.37
N GLU B 380 -24.78 -16.55 -33.75
CA GLU B 380 -26.09 -16.00 -33.41
C GLU B 380 -25.97 -14.88 -32.38
N THR B 381 -25.10 -15.06 -31.39
CA THR B 381 -24.95 -14.12 -30.28
C THR B 381 -23.58 -13.46 -30.31
N PRO B 382 -23.43 -12.33 -29.63
CA PRO B 382 -22.11 -11.67 -29.62
C PRO B 382 -21.09 -12.45 -28.83
N ALA B 383 -19.82 -12.20 -29.16
CA ALA B 383 -18.72 -12.91 -28.54
C ALA B 383 -17.53 -11.96 -28.43
N CYS B 384 -16.58 -12.35 -27.57
CA CYS B 384 -15.35 -11.59 -27.38
C CYS B 384 -14.16 -12.53 -27.47
N VAL B 385 -13.10 -12.06 -28.11
CA VAL B 385 -11.82 -12.75 -28.15
C VAL B 385 -10.76 -11.77 -27.64
N ALA B 386 -9.99 -12.20 -26.66
CA ALA B 386 -8.99 -11.35 -26.01
C ALA B 386 -7.61 -11.95 -26.22
N TYR B 387 -6.67 -11.13 -26.70
CA TYR B 387 -5.29 -11.53 -26.90
C TYR B 387 -4.42 -10.67 -25.99
N PHE B 388 -3.78 -11.29 -25.00
CA PHE B 388 -2.86 -10.60 -24.11
C PHE B 388 -1.46 -10.76 -24.64
N THR B 389 -0.80 -9.63 -24.93
CA THR B 389 0.44 -9.64 -25.67
C THR B 389 1.41 -8.66 -25.00
N LYS B 390 2.55 -8.46 -25.66
CA LYS B 390 3.53 -7.47 -25.23
C LYS B 390 3.29 -6.16 -25.96
N GLU B 391 3.98 -5.11 -25.49
CA GLU B 391 3.81 -3.78 -26.07
CA GLU B 391 3.81 -3.78 -26.07
C GLU B 391 4.13 -3.78 -27.56
N SER B 392 5.09 -4.60 -27.99
CA SER B 392 5.51 -4.58 -29.39
C SER B 392 4.34 -4.82 -30.33
N HIS B 393 3.47 -5.79 -30.01
CA HIS B 393 2.36 -6.08 -30.89
C HIS B 393 1.36 -4.93 -30.99
N ILE B 394 1.29 -4.06 -29.99
CA ILE B 394 0.45 -2.88 -30.12
C ILE B 394 1.02 -1.94 -31.18
N TYR B 395 2.32 -1.62 -31.07
CA TYR B 395 2.96 -0.74 -32.04
C TYR B 395 2.81 -1.29 -33.46
N THR B 396 3.19 -2.56 -33.65
CA THR B 396 3.23 -3.15 -34.98
C THR B 396 1.84 -3.28 -35.58
N LEU B 397 0.89 -3.84 -34.81
CA LEU B 397 -0.48 -3.94 -35.30
C LEU B 397 -1.03 -2.57 -35.66
N LEU B 398 -0.66 -1.54 -34.89
CA LEU B 398 -1.10 -0.19 -35.19
C LEU B 398 -0.51 0.30 -36.51
N ASN B 399 0.75 -0.04 -36.79
CA ASN B 399 1.35 0.36 -38.05
C ASN B 399 0.67 -0.32 -39.23
N ILE B 400 0.36 -1.60 -39.10
CA ILE B 400 -0.34 -2.29 -40.18
C ILE B 400 -1.63 -1.56 -40.52
N ILE B 401 -2.37 -1.14 -39.48
CA ILE B 401 -3.64 -0.44 -39.71
C ILE B 401 -3.41 0.86 -40.46
N TYR B 402 -2.45 1.67 -39.99
CA TYR B 402 -2.21 2.97 -40.62
C TYR B 402 -1.60 2.82 -42.01
N GLU B 403 -0.81 1.77 -42.23
CA GLU B 403 -0.24 1.53 -43.55
C GLU B 403 -1.20 0.80 -44.47
N SER B 404 -2.36 0.36 -43.98
CA SER B 404 -3.28 -0.42 -44.78
C SER B 404 -4.06 0.41 -45.79
N GLY B 405 -4.11 1.73 -45.61
CA GLY B 405 -4.98 2.57 -46.41
C GLY B 405 -6.38 2.73 -45.87
N ILE B 406 -6.69 2.11 -44.74
CA ILE B 406 -8.00 2.30 -44.11
C ILE B 406 -8.16 3.77 -43.74
N PRO B 407 -9.28 4.40 -44.06
CA PRO B 407 -9.46 5.81 -43.67
C PRO B 407 -9.48 5.96 -42.16
N MET B 408 -8.60 6.80 -41.64
CA MET B 408 -8.41 6.97 -40.21
C MET B 408 -9.01 8.29 -39.74
N ARG B 409 -9.49 8.29 -38.49
CA ARG B 409 -10.07 9.48 -37.89
C ARG B 409 -9.04 10.35 -37.17
N ILE B 410 -7.88 9.80 -36.86
CA ILE B 410 -6.86 10.51 -36.10
C ILE B 410 -5.50 10.00 -36.53
N ALA B 411 -4.56 10.93 -36.72
CA ALA B 411 -3.25 10.58 -37.22
C ALA B 411 -2.44 9.83 -36.18
N ARG B 412 -1.49 9.01 -36.64
CA ARG B 412 -0.68 8.22 -35.73
C ARG B 412 0.10 9.12 -34.78
N ASN B 413 0.73 10.18 -35.30
CA ASN B 413 1.52 11.05 -34.46
C ASN B 413 0.66 11.77 -33.42
N ALA B 414 -0.66 11.80 -33.60
CA ALA B 414 -1.54 12.43 -32.64
C ALA B 414 -1.93 11.51 -31.49
N LEU B 415 -1.65 10.21 -31.59
CA LEU B 415 -2.02 9.30 -30.51
C LEU B 415 -1.05 9.47 -29.34
N PRO B 416 -1.55 9.41 -28.11
CA PRO B 416 -0.67 9.57 -26.94
C PRO B 416 0.27 8.38 -26.80
N GLU B 417 1.27 8.56 -25.94
CA GLU B 417 2.25 7.52 -25.66
C GLU B 417 1.55 6.23 -25.25
N LEU B 418 1.97 5.12 -25.86
CA LEU B 418 1.48 3.81 -25.44
C LEU B 418 2.12 3.44 -24.11
N ASP B 419 1.30 3.14 -23.11
CA ASP B 419 1.76 2.82 -21.77
C ASP B 419 1.29 1.42 -21.40
N TYR B 420 1.51 1.05 -20.14
CA TYR B 420 1.10 -0.26 -19.68
C TYR B 420 -0.40 -0.46 -19.88
N LEU B 421 -0.79 -1.66 -20.32
CA LEU B 421 -2.18 -2.01 -20.56
C LEU B 421 -2.76 -1.28 -21.76
N SER B 422 -1.92 -0.92 -22.73
CA SER B 422 -2.41 -0.37 -23.98
C SER B 422 -3.35 -1.36 -24.64
N GLN B 423 -4.30 -0.84 -25.42
CA GLN B 423 -5.34 -1.67 -26.00
C GLN B 423 -5.62 -1.27 -27.44
N ILE B 424 -5.85 -2.27 -28.28
CA ILE B 424 -6.44 -2.09 -29.60
C ILE B 424 -7.69 -2.96 -29.66
N THR B 425 -8.78 -2.40 -30.16
CA THR B 425 -10.05 -3.11 -30.25
C THR B 425 -10.52 -3.15 -31.69
N PHE B 426 -10.89 -4.34 -32.16
CA PHE B 426 -11.62 -4.52 -33.41
C PHE B 426 -13.07 -4.82 -33.04
N GLU B 427 -13.94 -3.84 -33.23
CA GLU B 427 -15.32 -3.93 -32.77
C GLU B 427 -16.24 -4.21 -33.96
N LEU B 428 -16.95 -5.33 -33.91
CA LEU B 428 -17.86 -5.75 -34.96
C LEU B 428 -19.27 -5.30 -34.60
N TYR B 429 -19.97 -4.73 -35.57
CA TYR B 429 -21.34 -4.28 -35.39
C TYR B 429 -22.22 -4.86 -36.48
N GLU B 430 -23.50 -5.02 -36.17
CA GLU B 430 -24.47 -5.63 -37.07
C GLU B 430 -25.67 -4.70 -37.22
N SER B 431 -26.19 -4.61 -38.44
CA SER B 431 -27.38 -3.82 -38.72
C SER B 431 -28.30 -4.63 -39.64
N THR B 432 -29.56 -4.22 -39.69
CA THR B 432 -30.57 -4.86 -40.53
C THR B 432 -31.06 -3.86 -41.56
N ASP B 433 -30.96 -4.24 -42.84
CA ASP B 433 -31.40 -3.38 -43.92
C ASP B 433 -32.92 -3.41 -44.04
N ALA B 434 -33.45 -2.51 -44.85
CA ALA B 434 -34.90 -2.43 -45.04
C ALA B 434 -35.47 -3.72 -45.61
N SER B 435 -34.66 -4.53 -46.28
CA SER B 435 -35.10 -5.79 -46.86
C SER B 435 -34.99 -6.96 -45.90
N GLY B 436 -34.46 -6.74 -44.69
CA GLY B 436 -34.28 -7.81 -43.72
C GLY B 436 -32.91 -8.44 -43.73
N GLN B 437 -32.10 -8.18 -44.76
CA GLN B 437 -30.73 -8.67 -44.75
C GLN B 437 -29.88 -7.89 -43.75
N LYS B 438 -28.89 -8.57 -43.21
CA LYS B 438 -28.04 -8.00 -42.15
C LYS B 438 -26.71 -7.55 -42.72
N SER B 439 -26.24 -6.39 -42.26
CA SER B 439 -24.97 -5.81 -42.67
C SER B 439 -24.04 -5.75 -41.46
N HIS B 440 -22.74 -5.65 -41.74
CA HIS B 440 -21.74 -5.65 -40.69
C HIS B 440 -20.71 -4.56 -40.94
N SER B 441 -20.07 -4.12 -39.86
CA SER B 441 -19.08 -3.06 -39.93
C SER B 441 -18.04 -3.27 -38.85
N ILE B 442 -16.89 -2.62 -39.02
CA ILE B 442 -15.79 -2.67 -38.06
C ILE B 442 -15.46 -1.25 -37.62
N ARG B 443 -15.34 -1.05 -36.31
CA ARG B 443 -14.73 0.15 -35.75
C ARG B 443 -13.42 -0.25 -35.09
N LEU B 444 -12.40 0.59 -35.28
CA LEU B 444 -11.10 0.40 -34.63
C LEU B 444 -10.92 1.48 -33.57
N LYS B 445 -10.57 1.06 -32.36
CA LYS B 445 -10.28 1.96 -31.26
C LYS B 445 -9.01 1.51 -30.58
N MET B 446 -8.39 2.43 -29.84
CA MET B 446 -7.20 2.13 -29.07
C MET B 446 -7.25 2.87 -27.75
N SER B 447 -6.46 2.40 -26.80
CA SER B 447 -6.23 3.09 -25.53
C SER B 447 -4.77 3.11 -25.26
N PRO B 448 -4.17 4.26 -24.88
CA PRO B 448 -2.75 4.29 -24.52
C PRO B 448 -2.44 3.50 -23.26
N GLY B 449 -3.45 3.07 -22.52
CA GLY B 449 -3.23 2.34 -21.29
C GLY B 449 -3.25 3.25 -20.08
N CYS B 450 -2.57 2.78 -19.03
CA CYS B 450 -2.53 3.50 -17.76
C CYS B 450 -1.38 4.49 -17.84
N HIS B 451 -1.70 5.70 -18.30
CA HIS B 451 -0.71 6.71 -18.62
C HIS B 451 -1.09 8.03 -17.96
N THR B 452 -0.11 8.68 -17.33
CA THR B 452 -0.28 10.00 -16.77
C THR B 452 0.73 10.94 -17.40
N GLN B 453 0.27 12.13 -17.80
CA GLN B 453 1.18 13.14 -18.34
CA GLN B 453 1.15 13.16 -18.33
C GLN B 453 1.96 13.86 -17.25
N ASP B 454 1.65 13.63 -15.98
CA ASP B 454 2.31 14.29 -14.86
C ASP B 454 2.72 13.24 -13.84
N PRO B 455 3.72 12.40 -14.16
CA PRO B 455 4.09 11.32 -13.24
C PRO B 455 4.60 11.80 -11.89
N LEU B 456 5.19 12.99 -11.82
CA LEU B 456 5.72 13.50 -10.55
C LEU B 456 4.66 14.16 -9.69
N ASP B 457 3.48 14.43 -10.22
CA ASP B 457 2.44 15.14 -9.49
C ASP B 457 1.15 14.35 -9.31
N VAL B 458 0.91 13.30 -10.10
CA VAL B 458 -0.31 12.54 -9.96
C VAL B 458 -0.41 11.98 -8.55
N GLN B 459 -1.62 12.02 -7.98
CA GLN B 459 -1.80 11.59 -6.60
C GLN B 459 -1.83 10.07 -6.52
N LEU B 460 -1.07 9.54 -5.57
CA LEU B 460 -0.86 8.11 -5.42
C LEU B 460 -1.15 7.70 -3.98
N ASP B 461 -1.39 6.41 -3.80
CA ASP B 461 -1.44 5.80 -2.48
C ASP B 461 -0.59 4.55 -2.52
N ASP B 462 -0.65 3.72 -1.48
CA ASP B 462 0.24 2.56 -1.41
C ASP B 462 0.02 1.59 -2.56
N ARG B 463 -1.09 1.70 -3.30
CA ARG B 463 -1.29 0.85 -4.46
C ARG B 463 -0.35 1.22 -5.61
N HIS B 464 0.13 2.47 -5.66
CA HIS B 464 0.99 2.93 -6.76
C HIS B 464 0.37 2.56 -8.10
N TYR B 465 -0.82 3.09 -8.32
CA TYR B 465 -1.75 2.59 -9.32
C TYR B 465 -2.32 3.76 -10.11
N ILE B 466 -2.14 3.73 -11.43
CA ILE B 466 -2.62 4.76 -12.34
C ILE B 466 -3.77 4.18 -13.13
N SER B 467 -4.86 4.94 -13.23
CA SER B 467 -6.04 4.47 -13.93
C SER B 467 -5.80 4.42 -15.44
N CYS B 468 -6.70 3.73 -16.13
CA CYS B 468 -6.58 3.52 -17.57
C CYS B 468 -7.32 4.60 -18.32
N ILE B 469 -6.69 5.10 -19.38
CA ILE B 469 -7.27 6.17 -20.21
C ILE B 469 -8.35 5.55 -21.09
N PRO B 470 -9.51 6.20 -21.25
CA PRO B 470 -10.57 5.61 -22.06
C PRO B 470 -10.16 5.50 -23.53
N LYS B 471 -10.86 4.59 -24.22
CA LYS B 471 -10.54 4.30 -25.61
C LYS B 471 -10.70 5.53 -26.50
N ILE B 472 -9.84 5.61 -27.51
CA ILE B 472 -9.91 6.63 -28.55
C ILE B 472 -10.38 5.98 -29.84
N SER B 473 -11.32 6.64 -30.52
CA SER B 473 -11.88 6.07 -31.74
C SER B 473 -10.97 6.40 -32.93
N LEU B 474 -10.52 5.35 -33.62
CA LEU B 474 -9.62 5.52 -34.75
C LEU B 474 -10.35 5.59 -36.09
N THR B 475 -11.50 4.95 -36.21
CA THR B 475 -12.29 4.99 -37.44
C THR B 475 -13.76 5.10 -37.07
N LYS B 476 -14.55 5.57 -38.03
CA LYS B 476 -16.00 5.48 -37.93
C LYS B 476 -16.40 4.03 -38.24
N HIS B 477 -17.69 3.78 -38.38
CA HIS B 477 -18.14 2.46 -38.83
C HIS B 477 -17.75 2.27 -40.29
N LEU B 478 -16.97 1.24 -40.56
CA LEU B 478 -16.51 0.92 -41.91
C LEU B 478 -17.05 -0.45 -42.31
N ASP B 479 -17.35 -0.59 -43.60
CA ASP B 479 -17.84 -1.85 -44.12
C ASP B 479 -16.87 -2.97 -43.75
N MET B 480 -17.41 -4.04 -43.17
CA MET B 480 -16.56 -5.12 -42.69
C MET B 480 -15.70 -5.68 -43.81
N ASP B 481 -16.31 -5.97 -44.96
CA ASP B 481 -15.57 -6.56 -46.06
C ASP B 481 -14.47 -5.62 -46.56
N TYR B 482 -14.75 -4.31 -46.56
CA TYR B 482 -13.73 -3.35 -46.94
C TYR B 482 -12.53 -3.42 -46.01
N VAL B 483 -12.78 -3.35 -44.70
CA VAL B 483 -11.69 -3.41 -43.73
C VAL B 483 -10.93 -4.72 -43.88
N GLN B 484 -11.65 -5.82 -44.12
CA GLN B 484 -11.01 -7.11 -44.31
C GLN B 484 -9.93 -7.04 -45.38
N GLN B 485 -10.32 -6.71 -46.61
CA GLN B 485 -9.39 -6.82 -47.73
C GLN B 485 -8.24 -5.83 -47.63
N LYS B 486 -8.52 -4.61 -47.16
CA LYS B 486 -7.44 -3.63 -47.02
C LYS B 486 -6.31 -4.19 -46.18
N LEU B 487 -6.64 -4.93 -45.13
CA LEU B 487 -5.62 -5.59 -44.32
C LEU B 487 -5.07 -6.84 -45.00
N ARG B 488 -5.93 -7.59 -45.69
CA ARG B 488 -5.49 -8.80 -46.37
C ARG B 488 -4.54 -8.48 -47.52
N ASN B 489 -4.79 -7.37 -48.22
CA ASN B 489 -3.92 -6.99 -49.33
C ASN B 489 -2.50 -6.76 -48.86
N LYS B 490 -2.33 -6.19 -47.66
CA LYS B 490 -1.00 -5.91 -47.15
C LYS B 490 -0.30 -7.17 -46.67
N PHE B 491 -1.06 -8.20 -46.26
CA PHE B 491 -0.44 -9.45 -45.86
C PHE B 491 0.39 -10.04 -46.99
N THR B 492 -0.01 -9.82 -48.24
CA THR B 492 0.70 -10.36 -49.39
C THR B 492 1.90 -9.48 -49.71
N ARG B 493 2.74 -9.23 -48.71
CA ARG B 493 3.91 -8.39 -48.89
C ARG B 493 4.92 -9.04 -49.83
N VAL B 494 5.42 -8.26 -50.79
CA VAL B 494 6.36 -8.75 -51.78
C VAL B 494 5.73 -9.92 -52.55
ZN ZN C . -0.08 -2.51 6.02
N1 SPM D . 12.40 12.34 32.97
C2 SPM D . 11.31 12.58 32.05
C3 SPM D . 10.45 13.73 32.57
C4 SPM D . 9.88 13.42 33.96
N5 SPM D . 9.19 12.14 33.98
C6 SPM D . 7.76 12.28 33.70
C7 SPM D . 7.00 12.88 34.90
C8 SPM D . 5.57 13.29 34.52
C9 SPM D . 4.98 12.30 33.51
N10 SPM D . 3.55 12.12 33.68
C11 SPM D . 3.26 10.81 34.28
C12 SPM D . 3.62 9.65 33.36
C13 SPM D . 2.52 9.37 32.35
N14 SPM D . 1.46 8.64 33.03
HN11 SPM D . 12.89 13.08 33.05
HN12 SPM D . 12.91 11.68 32.66
H21 SPM D . 11.66 12.81 31.18
H22 SPM D . 10.76 11.78 31.98
H31 SPM D . 9.70 13.88 31.96
H32 SPM D . 10.99 14.54 32.62
H41 SPM D . 10.62 13.39 34.60
H42 SPM D . 9.26 14.12 34.22
H61 SPM D . 7.64 12.86 32.93
H62 SPM D . 7.39 11.41 33.51
H71 SPM D . 7.48 13.66 35.21
H72 SPM D . 6.97 12.22 35.61
H81 SPM D . 5.58 14.17 34.13
H82 SPM D . 5.03 13.29 35.32
H91 SPM D . 5.15 12.64 32.62
H92 SPM D . 5.42 11.44 33.62
H111 SPM D . 2.33 10.77 34.49
H112 SPM D . 3.78 10.73 35.10
H121 SPM D . 4.45 9.86 32.88
H122 SPM D . 3.78 8.85 33.90
H131 SPM D . 2.86 8.83 31.62
H132 SPM D . 2.17 10.21 32.00
HN41 SPM D . 0.81 8.46 32.45
HN42 SPM D . 1.79 7.89 33.36
N1 SPM E . -17.79 -3.65 29.65
C2 SPM E . -18.80 -2.79 30.24
C3 SPM E . -19.84 -2.40 29.19
C4 SPM E . -20.13 -3.58 28.28
N5 SPM E . -19.38 -3.42 27.05
C6 SPM E . -19.78 -4.46 26.12
C7 SPM E . -19.28 -4.13 24.71
C8 SPM E . -19.54 -5.35 23.85
C9 SPM E . -19.27 -5.04 22.38
N10 SPM E . -19.97 -6.05 21.58
C11 SPM E . -19.52 -6.02 20.20
C12 SPM E . -19.81 -4.65 19.59
C13 SPM E . -19.80 -4.72 18.07
N14 SPM E . -18.43 -4.69 17.57
HN11 SPM E . -17.07 -3.65 30.16
HN12 SPM E . -17.60 -3.37 28.84
H21 SPM E . -19.24 -3.26 30.97
H22 SPM E . -18.38 -1.99 30.59
H31 SPM E . -19.50 -1.67 28.66
H32 SPM E . -20.65 -2.12 29.63
H41 SPM E . -19.87 -4.40 28.72
H42 SPM E . -21.08 -3.62 28.08
H61 SPM E . -19.40 -5.31 26.40
H62 SPM E . -20.75 -4.52 26.11
H71 SPM E . -18.33 -3.92 24.73
H72 SPM E . -19.77 -3.36 24.36
H81 SPM E . -18.95 -6.06 24.13
H82 SPM E . -20.45 -5.63 23.96
H91 SPM E . -18.32 -5.10 22.20
H92 SPM E . -19.61 -4.17 22.16
H111 SPM E . -18.56 -6.19 20.16
H112 SPM E . -19.98 -6.71 19.69
H121 SPM E . -19.13 -4.02 19.90
H122 SPM E . -20.68 -4.36 19.89
H131 SPM E . -20.28 -3.96 17.71
H132 SPM E . -20.22 -5.54 17.78
HN41 SPM E . -18.43 -4.92 16.72
HN42 SPM E . -18.11 -3.86 17.65
N ORN F . -0.32 11.45 35.66
CA ORN F . -0.65 12.77 35.41
CB ORN F . -0.87 13.48 36.74
CG ORN F . -2.11 13.04 37.51
CD ORN F . -1.80 12.54 38.92
NE ORN F . -1.09 13.46 39.63
C ORN F . 0.41 13.48 34.60
O ORN F . 1.61 13.28 34.82
OXT ORN F . -0.04 14.25 33.72
H2 ORN F . 0.12 11.07 35.02
H ORN F . -0.57 11.16 36.43
HA ORN F . -1.47 12.80 34.90
HB2 ORN F . -0.93 14.43 36.58
HB3 ORN F . -0.08 13.34 37.30
HG2 ORN F . -2.56 12.33 37.02
HG3 ORN F . -2.74 13.77 37.57
HD2 ORN F . -1.31 11.71 38.89
HD3 ORN F . -2.63 12.35 39.39
HE1 ORN F . -1.54 14.23 39.67
HE2 ORN F . -0.32 13.10 39.90
N2 PUT G . 24.97 1.65 39.09
C4 PUT G . 24.32 2.84 38.90
C3 PUT G . 23.16 2.68 37.94
C2 PUT G . 22.37 3.97 37.78
C1 PUT G . 22.21 4.39 36.32
N1 PUT G . 21.95 5.73 36.25
HN21 PUT G . 25.71 1.79 39.57
HN22 PUT G . 24.50 1.00 38.70
H41 PUT G . 23.97 3.20 39.72
H42 PUT G . 24.91 3.52 38.53
H31 PUT G . 22.58 1.98 38.26
H32 PUT G . 23.50 2.38 37.08
H21 PUT G . 21.48 3.86 38.17
H22 PUT G . 22.80 4.68 38.27
H11 PUT G . 23.01 4.19 35.82
H12 PUT G . 21.49 3.90 35.90
HN11 PUT G . 21.17 5.91 36.65
HN12 PUT G . 22.61 6.13 35.81
N2 PUT H . -7.25 -1.40 19.93
C4 PUT H . -8.07 -0.45 19.38
C3 PUT H . -7.96 0.86 20.13
C2 PUT H . -9.04 1.84 19.74
C1 PUT H . -9.58 2.64 20.92
N1 PUT H . -10.13 3.81 20.51
HN21 PUT H . -7.41 -2.19 19.54
HN22 PUT H . -6.73 -1.02 20.53
H41 PUT H . -9.01 -0.73 19.41
H42 PUT H . -7.87 -0.28 18.45
H31 PUT H . -7.08 1.23 19.96
H32 PUT H . -8.00 0.68 21.09
H21 PUT H . -9.77 1.37 19.31
H22 PUT H . -8.69 2.46 19.07
H11 PUT H . -8.86 2.81 21.56
H12 PUT H . -10.24 2.12 21.39
HN11 PUT H . -10.46 4.25 21.22
HN12 PUT H . -10.02 3.91 19.64
C1 EDO I . 18.62 8.14 33.01
O1 EDO I . 19.92 8.37 32.54
C2 EDO I . 18.55 6.81 33.73
O2 EDO I . 17.45 6.78 34.61
H11 EDO I . 18.34 8.83 33.63
H12 EDO I . 17.97 8.13 32.29
HO1 EDO I . 19.94 9.15 32.19
H21 EDO I . 18.52 6.11 33.05
H22 EDO I . 19.40 6.69 34.20
HO2 EDO I . 17.49 6.05 35.05
C1 EDO J . 6.46 13.00 29.67
O1 EDO J . 5.71 11.99 30.30
C2 EDO J . 7.88 12.97 30.16
O2 EDO J . 8.76 13.51 29.20
H11 EDO J . 6.46 12.89 28.70
H12 EDO J . 6.09 13.89 29.84
HO1 EDO J . 4.90 12.08 30.07
H21 EDO J . 7.91 13.46 31.00
H22 EDO J . 8.09 12.04 30.38
HO2 EDO J . 9.54 13.52 29.53
C1 EDO K . 21.87 -9.19 27.92
O1 EDO K . 20.91 -10.19 28.09
C2 EDO K . 21.32 -8.11 27.03
O2 EDO K . 22.22 -7.03 26.97
H11 EDO K . 22.69 -9.54 27.52
H12 EDO K . 22.13 -8.79 28.77
HO1 EDO K . 21.21 -10.77 28.64
H21 EDO K . 20.46 -7.84 27.37
H22 EDO K . 21.17 -8.50 26.15
HO2 EDO K . 21.86 -6.40 26.51
C1 EDO L . 26.19 1.70 22.22
O1 EDO L . 25.20 1.69 21.22
C2 EDO L . 27.04 2.94 22.08
O2 EDO L . 26.22 4.03 21.68
H11 EDO L . 26.76 0.93 22.16
H12 EDO L . 25.80 1.69 23.10
HO1 EDO L . 24.69 1.00 21.36
H21 EDO L . 27.47 3.11 22.93
H22 EDO L . 27.73 2.75 21.44
HO2 EDO L . 26.73 4.70 21.55
C1 EDO M . 9.57 -9.28 23.01
O1 EDO M . 8.82 -9.35 21.81
C2 EDO M . 11.03 -9.25 22.68
O2 EDO M . 11.28 -8.26 21.70
H11 EDO M . 9.38 -10.05 23.58
H12 EDO M . 9.34 -8.50 23.52
HO1 EDO M . 8.00 -9.35 22.01
H21 EDO M . 11.51 -9.08 23.51
H22 EDO M . 11.29 -10.14 22.38
HO2 EDO M . 12.09 -8.34 21.45
N2 PUT N . 0.77 21.79 13.76
C4 PUT N . 1.73 20.84 13.55
C3 PUT N . 1.99 20.05 14.81
C2 PUT N . 2.17 20.94 16.03
C1 PUT N . 2.36 20.16 17.33
N1 PUT N . 3.67 19.83 17.50
HN21 PUT N . 0.71 22.31 13.04
HN22 PUT N . 0.41 21.67 14.57
H41 PUT N . 2.58 21.24 13.27
H42 PUT N . 1.48 20.22 12.85
H31 PUT N . 2.78 19.50 14.69
H32 PUT N . 1.25 19.44 14.96
H21 PUT N . 1.40 21.52 16.12
H22 PUT N . 2.94 21.52 15.90
H11 PUT N . 2.05 20.67 18.08
H12 PUT N . 1.82 19.35 17.30
HN11 PUT N . 3.77 19.40 18.27
HN12 PUT N . 4.14 20.11 16.80
C1 EDO O . 4.44 11.93 12.72
O1 EDO O . 4.75 10.55 12.77
C2 EDO O . 3.78 12.36 14.01
O2 EDO O . 4.74 12.78 14.94
H11 EDO O . 3.85 12.13 11.97
H12 EDO O . 5.24 12.46 12.59
HO1 EDO O . 5.09 10.34 12.02
H21 EDO O . 3.14 13.05 13.79
H22 EDO O . 3.26 11.60 14.33
HO2 EDO O . 4.34 12.99 15.65
C1 EDO P . -9.64 -1.06 1.14
O1 EDO P . -9.85 -1.98 0.10
C2 EDO P . -8.18 -0.70 1.22
O2 EDO P . -7.40 -1.87 1.33
H11 EDO P . -9.93 -1.43 2.00
H12 EDO P . -10.16 -0.25 1.00
HO1 EDO P . -10.67 -2.14 0.04
H21 EDO P . -8.06 -0.11 1.99
H22 EDO P . -7.97 -0.18 0.44
HO2 EDO P . -6.59 -1.64 1.42
C1 I8P Q . 1.49 -10.44 40.91
C2 I8P Q . 2.10 -9.06 40.71
C3 I8P Q . 3.63 -9.15 40.70
C4 I8P Q . 4.10 -10.08 39.57
C5 I8P Q . 3.50 -11.49 39.67
C6 I8P Q . 1.97 -11.46 39.87
O11 I8P Q . 0.10 -10.29 40.79
O12 I8P Q . 1.68 -8.55 39.49
O13 I8P Q . 4.15 -7.86 40.51
O14 I8P Q . 5.51 -10.16 39.64
O15 I8P Q . 3.72 -12.20 38.47
O16 I8P Q . 1.56 -12.73 40.29
O21 I8P Q . -2.20 -11.15 41.62
O22 I8P Q . 1.15 -6.20 38.62
O23 I8P Q . 3.96 -7.49 43.06
O24 I8P Q . 5.54 -8.04 38.13
O25 I8P Q . 5.95 -12.80 37.33
O26 I8P Q . -0.70 -12.33 39.10
O31 I8P Q . -0.15 -11.79 42.87
O32 I8P Q . -0.70 -7.83 38.80
O33 I8P Q . 6.20 -7.48 42.02
O34 I8P Q . 7.49 -8.52 39.57
O35 I8P Q . 4.39 -14.60 37.87
O36 I8P Q . 0.77 -14.12 38.26
O41 I8P Q . -1.00 -9.38 43.05
O42 I8P Q . 0.29 -6.83 40.84
O43 I8P Q . 4.64 -5.59 41.63
O44 I8P Q . 7.02 -9.93 37.59
O45 I8P Q . 5.67 -13.37 39.81
O46 I8P Q . -0.38 -14.40 40.44
O51 I8P Q . -0.76 -9.52 45.62
O55 I8P Q . 5.64 -15.77 40.66
O61 I8P Q . 1.19 -10.07 44.21
O65 I8P Q . 3.77 -14.27 41.27
O71 I8P Q . 0.43 -7.72 44.37
O75 I8P Q . 5.98 -13.98 42.32
PA1 I8P Q . -0.84 -10.70 42.08
PA2 I8P Q . 0.57 -7.32 39.44
PA3 I8P Q . 4.75 -7.08 41.84
PA4 I8P Q . 6.40 -9.14 38.71
PA5 I8P Q . 4.94 -13.28 38.34
PA6 I8P Q . 0.28 -13.42 39.51
PB1 I8P Q . -0.01 -9.16 44.36
PB5 I8P Q . 5.27 -14.36 41.04
H1 I8P Q . 1.75 -10.84 41.88
H2 I8P Q . 1.77 -8.40 41.51
H3 I8P Q . 4.01 -9.53 41.64
H4 I8P Q . 3.80 -9.67 38.61
H5 I8P Q . 4.00 -11.98 40.50
H6 I8P Q . 1.54 -11.20 38.91
C1 EDO R . 1.99 -5.01 0.93
O1 EDO R . 2.00 -5.54 2.23
C2 EDO R . 1.12 -3.79 0.89
O2 EDO R . 1.71 -2.76 1.67
H11 EDO R . 2.88 -4.77 0.64
H12 EDO R . 1.65 -5.66 0.30
HO1 EDO R . 2.52 -6.22 2.24
H21 EDO R . 0.24 -4.03 1.20
H22 EDO R . 1.02 -3.52 -0.04
HO2 EDO R . 1.20 -2.09 1.65
C1 EDO S . 14.01 11.23 28.94
O1 EDO S . 14.60 10.24 28.12
C2 EDO S . 12.80 11.80 28.25
O2 EDO S . 11.74 10.87 28.28
H11 EDO S . 14.64 11.96 29.12
H12 EDO S . 13.74 10.87 29.80
HO1 EDO S . 15.28 9.93 28.54
H21 EDO S . 12.57 12.64 28.70
H22 EDO S . 13.05 12.04 27.35
HO2 EDO S . 11.08 11.21 27.87
N2 PUT T . -11.08 29.27 18.32
C4 PUT T . -11.90 29.11 19.40
C3 PUT T . -13.20 28.45 19.02
C2 PUT T . -13.96 27.85 20.21
C1 PUT T . -13.84 28.65 21.51
N1 PUT T . -14.60 28.07 22.48
HN21 PUT T . -10.37 29.75 18.55
HN22 PUT T . -11.44 28.85 17.61
H41 PUT T . -12.11 29.96 19.82
H42 PUT T . -11.49 28.56 20.10
H31 PUT T . -13.02 27.75 18.37
H32 PUT T . -13.76 29.10 18.58
H21 PUT T . -14.90 27.76 19.97
H22 PUT T . -13.63 26.94 20.37
H11 PUT T . -14.14 29.57 21.36
H12 PUT T . -12.93 28.70 21.78
HN11 PUT T . -15.45 28.08 22.24
HN12 PUT T . -14.06 27.81 23.14
ZN ZN U . 4.95 0.06 -5.80
C01 1JW V . -4.73 6.78 -7.40
C02 1JW V . -4.60 7.27 -5.95
C03 1JW V . -5.84 8.10 -5.59
O04 1JW V . -5.59 8.69 -4.35
C05 1JW V . -5.66 5.57 -7.51
C06 1JW V . -6.46 5.57 -8.84
C07 1JW V . -7.91 5.05 -8.57
O08 1JW V . -8.35 4.51 -9.78
O09 1JW V . -6.54 6.86 -9.33
H1 1JW V . -3.72 6.53 -7.80
H2 1JW V . -5.08 7.60 -8.05
H3 1JW V . -3.68 7.86 -5.79
H4 1JW V . -4.50 6.42 -5.25
H5 1JW V . -6.05 8.87 -6.38
H6 1JW V . -6.76 7.47 -5.56
H7 1JW V . -6.35 9.23 -4.14
H8 1JW V . -6.36 5.56 -6.65
H9 1JW V . -5.07 4.63 -7.42
H10 1JW V . -5.95 4.90 -9.59
H11 1JW V . -7.93 4.29 -7.76
H12 1JW V . -8.57 5.88 -8.24
H13 1JW V . -9.30 4.43 -9.73
H14 1JW V . -7.15 6.85 -10.06
N2 PUT W . -16.77 -18.66 -10.60
C4 PUT W . -17.68 -17.74 -10.15
C3 PUT W . -18.49 -17.19 -11.30
C2 PUT W . -19.61 -16.27 -10.81
C1 PUT W . -20.34 -15.60 -11.96
N1 PUT W . -20.25 -14.25 -11.88
HN21 PUT W . -17.20 -19.37 -10.90
HN22 PUT W . -15.95 -18.33 -10.50
H41 PUT W . -17.26 -16.99 -9.70
H42 PUT W . -18.29 -18.13 -9.51
H31 PUT W . -17.91 -16.71 -11.90
H32 PUT W . -18.87 -17.92 -11.80
H21 PUT W . -20.24 -16.77 -10.28
H22 PUT W . -19.24 -15.59 -10.23
H11 PUT W . -21.28 -15.85 -11.95
H12 PUT W . -19.99 -15.91 -12.81
HN11 PUT W . -20.66 -13.88 -12.59
HN12 PUT W . -19.80 -14.02 -11.14
C01 1JW X . 6.35 5.49 -2.20
C02 1JW X . 5.97 5.53 -3.67
C03 1JW X . 5.24 6.85 -3.98
O04 1JW X . 4.04 6.83 -3.28
C05 1JW X . 6.72 4.11 -1.69
C06 1JW X . 8.21 3.86 -1.94
C07 1JW X . 9.08 4.46 -0.81
O08 1JW X . 9.85 5.43 -1.46
O09 1JW X . 8.37 2.47 -1.93
H1 1JW X . 5.51 5.90 -1.59
H2 1JW X . 7.19 6.19 -2.02
H3 1JW X . 6.86 5.41 -4.33
H4 1JW X . 5.33 4.66 -3.94
H5 1JW X . 5.08 6.95 -5.08
H6 1JW X . 5.88 7.72 -3.69
H7 1JW X . 3.66 7.70 -3.38
H8 1JW X . 6.12 3.33 -2.19
H9 1JW X . 6.50 4.01 -0.62
H10 1JW X . 8.53 4.32 -2.91
H11 1JW X . 9.72 3.68 -0.34
H12 1JW X . 8.46 4.89 -0.01
H13 1JW X . 10.48 5.74 -0.83
H14 1JW X . 9.29 2.30 -2.13
C1 EDO Y . -6.95 -7.54 -6.31
O1 EDO Y . -7.56 -8.41 -7.22
C2 EDO Y . -7.75 -6.27 -6.18
O2 EDO Y . -7.65 -5.53 -7.37
H11 EDO Y . -6.05 -7.32 -6.59
H12 EDO Y . -6.88 -7.95 -5.43
HO1 EDO Y . -7.10 -9.13 -7.27
H21 EDO Y . -8.67 -6.52 -5.98
H22 EDO Y . -7.42 -5.78 -5.41
HO2 EDO Y . -8.10 -4.82 -7.28
C1 EDO Z . 12.27 3.14 -1.12
O1 EDO Z . 13.33 2.48 -1.75
C2 EDO Z . 12.64 3.43 0.32
O2 EDO Z . 13.62 4.44 0.38
H11 EDO Z . 11.47 2.60 -1.13
H12 EDO Z . 12.05 3.97 -1.56
HO1 EDO Z . 13.07 2.22 -2.52
H21 EDO Z . 12.95 2.61 0.71
H22 EDO Z . 11.83 3.68 0.78
HO2 EDO Z . 13.86 4.53 1.20
C1 EDO AA . 5.99 0.30 -20.93
O1 EDO AA . 6.96 -0.01 -21.88
C2 EDO AA . 5.50 1.71 -21.13
O2 EDO AA . 6.47 2.45 -21.83
H11 EDO AA . 6.34 0.21 -20.03
H12 EDO AA . 5.23 -0.31 -20.99
HO1 EDO AA . 7.21 -0.82 -21.77
H21 EDO AA . 4.65 1.66 -21.61
H22 EDO AA . 5.30 2.08 -20.25
HO2 EDO AA . 6.17 3.24 -21.94
N2 PUT BA . -19.70 -0.76 -27.69
C4 PUT BA . -18.56 -0.88 -26.94
C3 PUT BA . -18.17 -2.34 -26.78
C2 PUT BA . -17.05 -2.51 -25.77
C1 PUT BA . -17.29 -3.68 -24.82
N1 PUT BA . -16.41 -3.64 -23.78
HN21 PUT BA . -19.53 -1.03 -28.53
HN22 PUT BA . -20.36 -0.47 -27.18
H41 PUT BA . -17.81 -0.42 -27.34
H42 PUT BA . -18.66 -0.50 -26.05
H31 PUT BA . -17.92 -2.70 -27.64
H32 PUT BA . -18.95 -2.84 -26.49
H21 PUT BA . -16.93 -1.70 -25.26
H22 PUT BA . -16.21 -2.66 -26.24
H11 PUT BA . -17.21 -4.53 -25.28
H12 PUT BA . -18.20 -3.65 -24.47
HN11 PUT BA . -15.58 -3.75 -24.09
HN12 PUT BA . -16.85 -3.54 -23.01
C1 EDO CA . -16.08 3.29 -46.66
O1 EDO CA . -14.98 2.97 -47.49
C2 EDO CA . -16.62 2.02 -46.02
O2 EDO CA . -17.90 2.25 -45.51
H11 EDO CA . -15.83 3.90 -45.96
H12 EDO CA . -16.80 3.71 -47.16
HO1 EDO CA . -14.68 3.70 -47.80
H21 EDO CA . -15.98 1.75 -45.34
H22 EDO CA . -16.60 1.32 -46.70
HO2 EDO CA . -18.18 1.52 -45.16
C1 I8P DA . 15.95 -6.62 -27.70
C2 I8P DA . 14.60 -6.28 -27.08
C3 I8P DA . 13.66 -7.46 -26.81
C4 I8P DA . 14.38 -8.62 -26.13
C5 I8P DA . 15.53 -9.04 -27.04
C6 I8P DA . 16.56 -7.92 -27.15
O11 I8P DA . 16.81 -5.54 -27.40
O12 I8P DA . 14.86 -5.63 -25.85
O13 I8P DA . 12.61 -7.04 -25.99
O14 I8P DA . 13.53 -9.71 -25.95
O15 I8P DA . 16.10 -10.19 -26.51
O16 I8P DA . 17.59 -8.35 -28.01
O21 I8P DA . 18.46 -5.84 -29.34
O22 I8P DA . 14.61 -3.65 -24.23
O23 I8P DA . 10.71 -6.67 -27.74
O24 I8P DA . 12.63 -8.70 -23.77
O25 I8P DA . 14.86 -12.14 -27.66
O26 I8P DA . 19.46 -7.04 -26.82
O31 I8P DA . 16.69 -4.11 -29.57
O32 I8P DA . 15.15 -3.18 -26.60
O33 I8P DA . 10.91 -8.85 -26.60
O34 I8P DA . 11.85 -10.95 -24.45
O35 I8P DA . 17.30 -12.35 -27.12
O36 I8P DA . 19.30 -9.46 -26.40
O41 I8P DA . 18.62 -3.66 -27.96
O42 I8P DA . 12.89 -3.98 -25.98
O43 I8P DA . 10.14 -6.86 -25.34
O44 I8P DA . 14.16 -10.64 -23.63
O45 I8P DA . 16.54 -10.81 -29.03
O46 I8P DA . 20.03 -8.63 -28.63
O51 I8P DA . 20.32 -2.99 -29.79
O55 I8P DA . 19.04 -11.11 -28.64
O61 I8P DA . 20.88 -2.58 -27.41
O65 I8P DA . 18.25 -9.89 -30.66
O71 I8P DA . 20.86 -4.89 -28.31
O75 I8P DA . 17.95 -12.34 -30.49
PA1 I8P DA . 17.63 -4.80 -28.61
PA2 I8P DA . 14.36 -4.07 -25.66
PA3 I8P DA . 11.06 -7.35 -26.44
PA4 I8P DA . 13.03 -10.01 -24.40
PA5 I8P DA . 16.19 -11.43 -27.55
PA6 I8P DA . 19.13 -8.38 -27.44
PB1 I8P DA . 20.22 -3.52 -28.38
PB5 I8P DA . 18.00 -11.04 -29.73
H1 I8P DA . 15.85 -6.78 -28.77
H2 I8P DA . 14.07 -5.63 -27.77
H3 I8P DA . 13.25 -7.81 -27.76
H4 I8P DA . 14.72 -8.32 -25.14
H5 I8P DA . 15.18 -9.28 -28.04
H6 I8P DA . 16.98 -7.71 -26.17
C1 EDO EA . 7.82 14.49 -6.49
O1 EDO EA . 8.00 14.43 -5.09
C2 EDO EA . 7.90 15.93 -6.93
O2 EDO EA . 9.24 16.36 -6.88
H11 EDO EA . 8.49 13.98 -6.95
H12 EDO EA . 6.96 14.12 -6.75
HO1 EDO EA . 7.98 13.60 -4.86
H21 EDO EA . 7.31 16.44 -6.37
H22 EDO EA . 7.53 15.97 -7.83
HO2 EDO EA . 9.26 17.18 -7.12
C1 EDO FA . -13.18 -2.66 -24.09
O1 EDO FA . -13.77 -2.01 -25.20
C2 EDO FA . -12.24 -1.71 -23.39
O2 EDO FA . -12.94 -0.52 -23.08
H11 EDO FA . -13.84 -2.97 -23.46
H12 EDO FA . -12.67 -3.44 -24.37
HO1 EDO FA . -14.21 -2.60 -25.63
H21 EDO FA . -11.90 -2.16 -22.61
H22 EDO FA . -11.49 -1.55 -23.97
HO2 EDO FA . -12.37 0.05 -22.79
#